data_8ZUE
#
_entry.id   8ZUE
#
_cell.length_a   1.00
_cell.length_b   1.00
_cell.length_c   1.00
_cell.angle_alpha   90.00
_cell.angle_beta   90.00
_cell.angle_gamma   90.00
#
_symmetry.space_group_name_H-M   'P 1'
#
loop_
_entity.id
_entity.type
_entity.pdbx_description
1 polymer 'Anti-bacteriophage protein A'
2 polymer 'Anti-bacteriophage protein B'
#
loop_
_entity_poly.entity_id
_entity_poly.type
_entity_poly.pdbx_seq_one_letter_code
_entity_poly.pdbx_strand_id
1 'polypeptide(L)'
;MGSSHHHHHHSSGLVPRGSHSDEVDAHMESNDSGGVAAKHGFLFQDCVAAYHVTRMLRDKTIRSVRCEVTDDIDIVSDGY
IDFVQVKSTGKTRWNISDIVQNSKGADKKTIPCSSILHKSMQCESDLSLGRRYSIVTEEKVNKTLEYLTISPNARLDKPG
RQELIDDLNKRTDNFLTDSGISVSDWIDAATWEVFSSLRELELLGIKNIRLASQDLHGVILSSETVAEDIWCRILDTVTR
KGEHSRRIHSADDKSYLRPDLLEWFKQRVEDDQSRSGRKIYVKRDLPHILTPFRAPMASVCAKRKGQVLHQQYSLKKYRY
KHIADNVCQWLDEVFLRPKEMSDIHKLTFIEKRERLKNSVFKSLHDVSEFLGRVLLHATIRQHHESQPIPCMLYVEKAGA
EKILENVHIVRRDPEGDQLWIGFSELVTDINIAVRLPEIRDQLYEDISDCIDTARKKILDIKDDNYLLRHDIDEILDGSQ
PFDAHLDRFTFVLFVGYDSNLLTEPETPGFEDDLEKETAVLFEKFAADLIEDSPFANLCIHVFIYPAPSLERLTQLVDEK
VREVV
;
A
2 'polypeptide(L)'
;MTEIYEQAKHSLQGEDFSSFNYLFAVNKLLSNPVSYDLGRDLIVRALDSRERFSEHTTILKNMVRKSGLFPYLKKEFTSL
TPDDLRVLELYRTPFSDGYVFHSMQFHIFDLLKSGQNVVLSAPTSMGKSAIVDSLLGMGTLKRLVLVVPTVALADETRRR
LQERFGDRYQIIHHSSQVCHSDQAVYVLTQERVNERDDIVDIDLFVIDEFYKLAFRQLKSGDIDHQDERVIELNIALSKL
LKVSRQFYLTGPFVNSIRGLEKLGYPHTFVSTDFNTVALDVKTFGIKANDDKAKLKALGEIAHACVDATIIYCKSPTVAG
LVARELIRLGHGTPTENPHVDWVSEEFDADWDYTVALRNGIGLHFGALPRALQQYTADQFNAGKLRFLLCTSTIIEGVNT
IAKNVVIYDNRDGTRSIDKFTHGNIKGRAGRMGVHFVGKIFCLEEIPEDNLNQEVDIPLGIQGIDTPINLLASVQPDHLS
EFSQDRFDEVFINDRVSIDLVKKHSYFRVEQFEMLQSMFEMMDDNEFSSLVFHWTPATNFLKTFAKIIARLVPHTFSRNG
VPVKPTDVMIAKLAGYLSAESYSEYLKNQIDYARQWISEGEKRTLSIALNNDLKLITNTFGYTLPKVLSLMEDVVKHHAV
KRGIRSKVDYTHVKLAFESFHLPPGVNALEEIGIPIQTLHRLVDLLEFSDEADVDELSQYLRDTQDIWSRSIGYVDQMFI
RRALGIRRH
;
B
#
# COMPACT_ATOMS: atom_id res chain seq x y z
N GLY A 34 -1.66 28.84 5.37
CA GLY A 34 -3.09 28.90 5.10
C GLY A 34 -3.46 28.45 3.70
N GLY A 35 -4.55 27.70 3.59
CA GLY A 35 -5.00 27.21 2.30
C GLY A 35 -6.35 27.78 1.89
N VAL A 36 -7.38 26.94 1.88
CA VAL A 36 -8.71 27.40 1.49
C VAL A 36 -9.40 28.15 2.61
N ALA A 37 -9.05 27.88 3.87
CA ALA A 37 -9.59 28.67 4.98
C ALA A 37 -9.12 30.12 4.90
N ALA A 38 -7.85 30.33 4.52
CA ALA A 38 -7.35 31.69 4.35
C ALA A 38 -8.09 32.40 3.23
N LYS A 39 -8.37 31.67 2.13
CA LYS A 39 -9.16 32.26 1.05
C LYS A 39 -10.56 32.63 1.53
N HIS A 40 -11.19 31.75 2.30
CA HIS A 40 -12.53 32.04 2.82
C HIS A 40 -12.49 33.03 3.97
N GLY A 41 -11.38 33.10 4.70
CA GLY A 41 -11.26 34.04 5.80
C GLY A 41 -11.67 33.46 7.15
N PHE A 42 -11.07 32.33 7.51
CA PHE A 42 -11.34 31.67 8.78
C PHE A 42 -10.14 31.79 9.70
N LEU A 43 -10.36 31.47 10.97
CA LEU A 43 -9.33 31.52 12.00
C LEU A 43 -8.93 30.11 12.41
N PHE A 44 -7.90 30.04 13.26
CA PHE A 44 -7.32 28.75 13.65
C PHE A 44 -8.32 27.90 14.42
N GLN A 45 -9.11 28.50 15.30
CA GLN A 45 -10.06 27.75 16.11
C GLN A 45 -11.12 27.08 15.22
N ASP A 46 -11.56 27.78 14.18
CA ASP A 46 -12.52 27.18 13.25
C ASP A 46 -11.96 25.92 12.62
N CYS A 47 -10.70 25.98 12.18
CA CYS A 47 -10.09 24.81 11.56
C CYS A 47 -9.83 23.70 12.58
N VAL A 48 -9.56 24.04 13.83
CA VAL A 48 -9.41 23.01 14.86
C VAL A 48 -10.73 22.27 15.05
N ALA A 49 -11.83 23.03 15.16
CA ALA A 49 -13.14 22.40 15.32
C ALA A 49 -13.51 21.56 14.10
N ALA A 50 -13.20 22.06 12.90
CA ALA A 50 -13.48 21.32 11.69
C ALA A 50 -12.64 20.04 11.62
N TYR A 51 -11.38 20.12 12.04
CA TYR A 51 -10.53 18.94 12.08
C TYR A 51 -11.09 17.91 13.05
N HIS A 52 -11.61 18.37 14.19
CA HIS A 52 -12.15 17.42 15.16
C HIS A 52 -13.45 16.80 14.67
N VAL A 53 -14.27 17.55 13.94
CA VAL A 53 -15.48 16.92 13.42
C VAL A 53 -15.15 15.97 12.28
N THR A 54 -14.10 16.24 11.50
CA THR A 54 -13.64 15.25 10.53
C THR A 54 -13.11 13.99 11.23
N ARG A 55 -12.41 14.18 12.36
CA ARG A 55 -12.00 13.04 13.16
C ARG A 55 -13.21 12.21 13.58
N MET A 56 -14.25 12.89 14.07
CA MET A 56 -15.50 12.21 14.40
C MET A 56 -16.07 11.48 13.18
N LEU A 57 -15.90 12.08 12.00
CA LEU A 57 -16.34 11.43 10.76
C LEU A 57 -15.62 10.10 10.55
N ARG A 58 -14.32 10.07 10.83
CA ARG A 58 -13.59 8.81 10.67
C ARG A 58 -13.58 7.95 11.93
N ASP A 59 -13.49 8.57 13.11
CA ASP A 59 -13.41 7.82 14.35
C ASP A 59 -14.79 7.30 14.73
N LYS A 60 -14.92 5.97 14.85
CA LYS A 60 -16.19 5.37 15.22
C LYS A 60 -16.50 5.54 16.70
N THR A 61 -15.47 5.69 17.53
CA THR A 61 -15.66 5.78 18.98
C THR A 61 -16.07 7.17 19.44
N ILE A 62 -15.93 8.19 18.60
CA ILE A 62 -16.36 9.54 18.97
C ILE A 62 -17.86 9.62 18.86
N ARG A 63 -18.52 10.06 19.94
CA ARG A 63 -19.97 10.11 19.97
C ARG A 63 -20.52 11.48 19.58
N SER A 64 -19.85 12.56 19.98
CA SER A 64 -20.31 13.89 19.62
C SER A 64 -19.18 14.88 19.73
N VAL A 65 -19.35 16.03 19.09
CA VAL A 65 -18.40 17.13 19.15
C VAL A 65 -19.19 18.38 19.52
N ARG A 66 -19.23 18.70 20.82
CA ARG A 66 -19.89 19.91 21.28
C ARG A 66 -19.02 21.13 20.99
N CYS A 67 -19.62 22.17 20.43
CA CYS A 67 -18.87 23.38 20.09
C CYS A 67 -19.81 24.57 20.23
N GLU A 68 -19.78 25.22 21.40
CA GLU A 68 -20.44 26.51 21.54
C GLU A 68 -19.67 27.59 20.81
N VAL A 69 -18.43 27.83 21.22
CA VAL A 69 -17.50 28.68 20.49
C VAL A 69 -16.43 27.78 19.91
N THR A 70 -15.70 28.32 18.93
CA THR A 70 -14.77 27.51 18.17
C THR A 70 -13.49 27.18 18.95
N ASP A 71 -13.31 27.74 20.15
CA ASP A 71 -12.13 27.49 20.95
C ASP A 71 -12.43 26.71 22.23
N ASP A 72 -13.59 26.09 22.32
CA ASP A 72 -14.00 25.35 23.51
C ASP A 72 -14.60 24.01 23.11
N ILE A 73 -13.88 23.26 22.27
CA ILE A 73 -14.42 22.00 21.77
C ILE A 73 -14.54 21.01 22.92
N ASP A 74 -15.56 20.15 22.84
CA ASP A 74 -15.94 19.28 23.95
C ASP A 74 -16.17 17.86 23.45
N ILE A 75 -15.18 17.30 22.76
CA ILE A 75 -15.35 16.04 22.05
C ILE A 75 -15.66 14.90 23.02
N VAL A 76 -16.88 14.37 22.94
CA VAL A 76 -17.31 13.26 23.79
C VAL A 76 -17.14 11.97 23.01
N SER A 77 -16.26 11.10 23.49
CA SER A 77 -15.96 9.82 22.89
C SER A 77 -16.45 8.70 23.80
N ASP A 78 -16.50 7.49 23.26
CA ASP A 78 -17.06 6.36 23.98
C ASP A 78 -16.15 6.01 25.15
N GLY A 79 -16.45 6.55 26.32
CA GLY A 79 -15.64 6.34 27.51
C GLY A 79 -14.71 7.47 27.86
N TYR A 80 -14.75 8.60 27.15
CA TYR A 80 -13.84 9.70 27.44
C TYR A 80 -14.48 11.01 27.02
N ILE A 81 -13.92 12.11 27.52
CA ILE A 81 -14.37 13.44 27.15
C ILE A 81 -13.14 14.35 27.08
N ASP A 82 -12.85 14.86 25.89
CA ASP A 82 -11.69 15.70 25.64
C ASP A 82 -12.13 17.15 25.52
N PHE A 83 -11.63 17.98 26.44
CA PHE A 83 -11.83 19.42 26.40
C PHE A 83 -10.66 20.02 25.64
N VAL A 84 -10.93 20.55 24.45
CA VAL A 84 -9.90 21.12 23.59
C VAL A 84 -10.07 22.62 23.59
N GLN A 85 -9.02 23.33 23.99
CA GLN A 85 -9.02 24.79 24.05
C GLN A 85 -7.96 25.33 23.10
N VAL A 86 -8.36 26.27 22.26
CA VAL A 86 -7.46 26.87 21.27
C VAL A 86 -6.97 28.19 21.83
N LYS A 87 -5.65 28.34 21.94
CA LYS A 87 -5.04 29.55 22.48
C LYS A 87 -3.93 30.02 21.55
N SER A 88 -3.50 31.27 21.77
CA SER A 88 -2.45 31.85 20.95
C SER A 88 -1.89 33.10 21.62
N THR A 89 -0.57 33.12 21.81
CA THR A 89 0.13 34.36 22.10
C THR A 89 0.65 34.96 20.80
N GLY A 90 1.49 35.98 20.89
CA GLY A 90 2.07 36.56 19.69
C GLY A 90 3.50 37.01 19.82
N LYS A 91 4.12 36.82 20.99
CA LYS A 91 5.45 37.41 21.20
C LYS A 91 6.54 36.53 20.61
N THR A 92 6.82 35.38 21.25
CA THR A 92 7.72 34.41 20.65
C THR A 92 7.35 32.96 20.89
N ARG A 93 6.64 32.63 21.97
CA ARG A 93 6.48 31.24 22.40
C ARG A 93 5.49 31.21 23.55
N TRP A 94 5.32 30.02 24.12
CA TRP A 94 4.36 29.75 25.20
C TRP A 94 5.13 29.38 26.46
N ASN A 95 5.48 30.39 27.25
CA ASN A 95 6.17 30.17 28.51
C ASN A 95 5.17 29.79 29.60
N ILE A 96 5.71 29.38 30.75
CA ILE A 96 4.86 28.95 31.86
C ILE A 96 4.04 30.11 32.42
N SER A 97 4.62 31.31 32.43
CA SER A 97 3.92 32.46 33.00
C SER A 97 2.59 32.71 32.30
N ASP A 98 2.58 32.57 30.97
CA ASP A 98 1.35 32.78 30.22
C ASP A 98 0.28 31.74 30.58
N ILE A 99 0.69 30.49 30.76
CA ILE A 99 -0.30 29.46 31.07
C ILE A 99 -0.80 29.57 32.51
N VAL A 100 -0.04 30.21 33.39
CA VAL A 100 -0.57 30.49 34.73
C VAL A 100 -1.01 31.95 34.89
N GLN A 101 -0.96 32.75 33.82
CA GLN A 101 -1.33 34.15 33.92
C GLN A 101 -2.84 34.28 34.09
N ASN A 102 -3.26 35.03 35.10
CA ASN A 102 -4.67 35.16 35.42
C ASN A 102 -5.35 36.18 34.51
N SER A 103 -6.37 35.74 33.78
CA SER A 103 -7.01 36.58 32.78
C SER A 103 -7.65 37.80 33.41
N LYS A 104 -7.50 38.94 32.73
CA LYS A 104 -8.09 40.19 33.18
C LYS A 104 -9.60 40.08 33.22
N GLY A 105 -10.23 39.91 32.05
CA GLY A 105 -11.65 39.64 31.93
C GLY A 105 -12.58 40.53 32.73
N ALA A 106 -12.15 41.75 33.04
CA ALA A 106 -12.94 42.66 33.86
C ALA A 106 -12.49 44.09 33.59
N ASP A 107 -13.30 45.04 34.06
CA ASP A 107 -12.98 46.45 33.91
C ASP A 107 -11.85 46.83 34.86
N LYS A 108 -10.61 46.79 34.37
CA LYS A 108 -9.42 47.12 35.15
C LYS A 108 -9.31 46.25 36.41
N LYS A 109 -9.79 45.00 36.31
CA LYS A 109 -9.73 44.05 37.41
C LYS A 109 -9.40 42.68 36.87
N THR A 110 -8.97 41.79 37.76
CA THR A 110 -8.62 40.42 37.41
C THR A 110 -9.40 39.46 38.29
N ILE A 111 -10.19 38.60 37.67
CA ILE A 111 -10.92 37.59 38.44
C ILE A 111 -9.94 36.57 38.99
N PRO A 112 -10.00 36.25 40.28
CA PRO A 112 -9.12 35.22 40.83
C PRO A 112 -9.41 33.86 40.23
N CYS A 113 -8.37 33.03 40.19
CA CYS A 113 -8.42 31.64 39.69
C CYS A 113 -9.20 31.55 38.38
N SER A 114 -8.77 32.36 37.42
CA SER A 114 -9.38 32.38 36.08
C SER A 114 -8.31 32.43 35.00
N SER A 115 -7.26 31.63 35.17
CA SER A 115 -6.18 31.57 34.20
C SER A 115 -6.50 30.53 33.11
N ILE A 116 -5.60 30.41 32.14
CA ILE A 116 -5.77 29.41 31.09
C ILE A 116 -5.78 28.01 31.71
N LEU A 117 -4.83 27.75 32.60
CA LEU A 117 -4.82 26.48 33.33
C LEU A 117 -6.09 26.33 34.17
N HIS A 118 -6.48 27.41 34.86
CA HIS A 118 -7.67 27.35 35.70
C HIS A 118 -8.92 27.05 34.89
N LYS A 119 -9.06 27.73 33.74
CA LYS A 119 -10.20 27.45 32.87
C LYS A 119 -10.13 26.03 32.31
N SER A 120 -8.92 25.52 32.07
CA SER A 120 -8.78 24.17 31.57
C SER A 120 -9.28 23.14 32.57
N MET A 121 -8.86 23.27 33.84
CA MET A 121 -9.32 22.31 34.85
C MET A 121 -10.77 22.56 35.26
N GLN A 122 -11.23 23.81 35.21
CA GLN A 122 -12.62 24.10 35.57
C GLN A 122 -13.54 23.80 34.40
N CYS A 123 -13.47 22.60 33.86
CA CYS A 123 -14.30 22.16 32.72
C CYS A 123 -15.17 21.02 33.22
N GLU A 124 -16.40 21.34 33.60
CA GLU A 124 -17.28 20.35 34.20
C GLU A 124 -17.85 19.41 33.15
N SER A 125 -18.18 18.20 33.59
CA SER A 125 -18.79 17.19 32.72
C SER A 125 -19.73 16.35 33.57
N ASP A 126 -21.03 16.42 33.25
CA ASP A 126 -22.02 15.67 34.02
C ASP A 126 -21.79 14.17 33.90
N LEU A 127 -21.47 13.69 32.70
CA LEU A 127 -21.22 12.27 32.49
C LEU A 127 -19.96 11.83 33.22
N SER A 128 -19.99 10.62 33.77
CA SER A 128 -18.85 10.05 34.49
C SER A 128 -17.89 9.43 33.50
N LEU A 129 -17.25 10.30 32.71
CA LEU A 129 -16.32 9.88 31.68
C LEU A 129 -14.92 10.38 32.01
N GLY A 130 -13.92 9.63 31.54
CA GLY A 130 -12.54 10.02 31.75
C GLY A 130 -12.22 11.38 31.16
N ARG A 131 -11.74 12.29 32.01
CA ARG A 131 -11.47 13.65 31.58
C ARG A 131 -10.10 13.73 30.91
N ARG A 132 -10.05 14.33 29.73
CA ARG A 132 -8.80 14.61 29.06
C ARG A 132 -8.79 16.07 28.63
N TYR A 133 -7.63 16.70 28.74
CA TYR A 133 -7.48 18.11 28.41
C TYR A 133 -6.49 18.25 27.27
N SER A 134 -6.73 19.24 26.42
CA SER A 134 -5.84 19.49 25.30
C SER A 134 -5.82 20.99 25.01
N ILE A 135 -4.63 21.53 24.82
CA ILE A 135 -4.44 22.93 24.46
C ILE A 135 -3.78 22.97 23.09
N VAL A 136 -4.44 23.62 22.13
CA VAL A 136 -3.96 23.68 20.75
C VAL A 136 -3.55 25.13 20.47
N THR A 137 -2.32 25.31 20.04
CA THR A 137 -1.78 26.64 19.75
C THR A 137 -1.02 26.61 18.44
N GLU A 138 -1.08 27.72 17.71
CA GLU A 138 -0.26 27.85 16.51
C GLU A 138 1.21 28.09 16.85
N GLU A 139 1.46 28.85 17.92
CA GLU A 139 2.82 29.16 18.34
C GLU A 139 3.43 27.98 19.09
N LYS A 140 4.76 27.96 19.14
CA LYS A 140 5.49 26.85 19.73
C LYS A 140 5.44 26.92 21.26
N VAL A 141 6.10 25.97 21.90
CA VAL A 141 6.03 25.78 23.34
C VAL A 141 7.43 25.93 23.93
N ASN A 142 7.51 26.59 25.08
CA ASN A 142 8.79 26.81 25.75
C ASN A 142 9.30 25.52 26.37
N LYS A 143 10.55 25.56 26.84
CA LYS A 143 11.17 24.39 27.45
C LYS A 143 10.49 24.00 28.75
N THR A 144 9.97 24.98 29.50
CA THR A 144 9.31 24.67 30.77
C THR A 144 8.08 23.80 30.56
N LEU A 145 7.30 24.08 29.52
CA LEU A 145 6.10 23.31 29.21
C LEU A 145 6.33 22.23 28.17
N GLU A 146 7.59 22.02 27.76
CA GLU A 146 7.88 21.05 26.72
C GLU A 146 7.45 19.63 27.09
N TYR A 147 7.38 19.33 28.39
CA TYR A 147 6.93 18.01 28.82
C TYR A 147 5.50 17.74 28.39
N LEU A 148 4.69 18.78 28.23
CA LEU A 148 3.29 18.59 27.87
C LEU A 148 3.13 18.17 26.41
N THR A 149 4.08 18.54 25.56
CA THR A 149 3.94 18.29 24.12
C THR A 149 3.88 16.80 23.80
N ILE A 150 4.73 16.00 24.46
CA ILE A 150 4.73 14.57 24.20
C ILE A 150 3.40 13.96 24.62
N SER A 151 2.95 12.95 23.88
CA SER A 151 1.72 12.27 24.22
C SER A 151 1.88 11.55 25.56
N PRO A 152 0.81 11.47 26.36
CA PRO A 152 0.93 10.79 27.67
C PRO A 152 1.31 9.33 27.57
N ASN A 153 1.07 8.68 26.43
CA ASN A 153 1.44 7.28 26.26
C ASN A 153 2.94 7.07 26.23
N ALA A 154 3.73 8.13 26.06
CA ALA A 154 5.18 8.04 25.99
C ALA A 154 5.82 8.98 27.01
N ARG A 155 5.31 8.95 28.24
CA ARG A 155 5.85 9.76 29.33
C ARG A 155 6.32 8.90 30.50
N LEU A 156 6.45 7.59 30.31
CA LEU A 156 6.82 6.71 31.42
C LEU A 156 8.21 7.01 31.93
N ASP A 157 9.17 7.20 31.03
CA ASP A 157 10.56 7.39 31.41
C ASP A 157 11.10 8.78 31.11
N LYS A 158 10.41 9.57 30.30
CA LYS A 158 10.91 10.89 29.97
C LYS A 158 10.83 11.80 31.19
N PRO A 159 11.76 12.74 31.34
CA PRO A 159 11.74 13.66 32.48
C PRO A 159 10.83 14.85 32.19
N GLY A 160 10.82 15.80 33.12
CA GLY A 160 10.03 17.00 32.97
C GLY A 160 8.70 16.99 33.69
N ARG A 161 8.44 15.99 34.53
CA ARG A 161 7.14 15.87 35.17
C ARG A 161 7.09 16.52 36.55
N GLN A 162 7.97 16.08 37.46
CA GLN A 162 7.84 16.46 38.87
C GLN A 162 8.07 17.96 39.08
N GLU A 163 9.14 18.51 38.50
CA GLU A 163 9.43 19.92 38.71
C GLU A 163 8.37 20.80 38.05
N LEU A 164 7.86 20.39 36.89
CA LEU A 164 6.76 21.13 36.27
C LEU A 164 5.52 21.09 37.17
N ILE A 165 5.22 19.93 37.75
CA ILE A 165 4.06 19.80 38.62
C ILE A 165 4.19 20.71 39.84
N ASP A 166 5.36 20.70 40.48
CA ASP A 166 5.49 21.51 41.69
C ASP A 166 5.56 23.00 41.36
N ASP A 167 6.14 23.36 40.22
CA ASP A 167 6.11 24.77 39.80
C ASP A 167 4.68 25.24 39.58
N LEU A 168 3.88 24.43 38.88
CA LEU A 168 2.49 24.79 38.67
C LEU A 168 1.73 24.88 39.98
N ASN A 169 1.96 23.94 40.89
CA ASN A 169 1.28 23.97 42.19
C ASN A 169 1.66 25.21 42.99
N LYS A 170 2.95 25.58 42.97
CA LYS A 170 3.39 26.77 43.68
C LYS A 170 2.78 28.03 43.08
N ARG A 171 2.76 28.12 41.74
CA ARG A 171 2.22 29.31 41.11
C ARG A 171 0.71 29.40 41.25
N THR A 172 0.03 28.27 41.41
CA THR A 172 -1.41 28.23 41.57
C THR A 172 -1.83 28.00 43.02
N ASP A 173 -0.88 27.99 43.95
CA ASP A 173 -1.16 27.86 45.38
C ASP A 173 -1.94 26.58 45.69
N ASN A 174 -1.54 25.46 45.05
CA ASN A 174 -2.10 24.14 45.31
C ASN A 174 -3.62 24.13 45.09
N PHE A 175 -4.02 24.36 43.84
CA PHE A 175 -5.43 24.45 43.50
C PHE A 175 -6.05 23.06 43.45
N LEU A 176 -7.09 22.85 44.27
CA LEU A 176 -7.96 21.70 44.18
C LEU A 176 -9.35 22.18 43.82
N THR A 177 -9.92 21.64 42.75
CA THR A 177 -11.22 22.10 42.28
C THR A 177 -12.34 21.49 43.12
N ASP A 178 -13.57 21.89 42.81
CA ASP A 178 -14.74 21.37 43.53
C ASP A 178 -14.91 19.87 43.33
N SER A 179 -14.37 19.33 42.24
CA SER A 179 -14.42 17.89 41.99
C SER A 179 -13.16 17.18 42.47
N GLY A 180 -12.31 17.85 43.24
CA GLY A 180 -11.08 17.25 43.71
C GLY A 180 -10.07 16.95 42.62
N ILE A 181 -9.88 17.88 41.69
CA ILE A 181 -8.93 17.71 40.59
C ILE A 181 -7.68 18.51 40.96
N SER A 182 -6.57 17.81 41.15
CA SER A 182 -5.31 18.45 41.46
C SER A 182 -4.57 18.83 40.19
N VAL A 183 -3.54 19.67 40.34
CA VAL A 183 -2.73 20.08 39.21
C VAL A 183 -1.98 18.87 38.65
N SER A 184 -1.56 17.95 39.52
CA SER A 184 -0.93 16.72 39.05
C SER A 184 -1.90 15.92 38.19
N ASP A 185 -3.17 15.85 38.60
CA ASP A 185 -4.17 15.14 37.80
C ASP A 185 -4.32 15.78 36.43
N TRP A 186 -4.33 17.11 36.37
CA TRP A 186 -4.34 17.79 35.08
C TRP A 186 -3.09 17.49 34.27
N ILE A 187 -1.96 17.27 34.94
CA ILE A 187 -0.72 16.97 34.25
C ILE A 187 -0.78 15.58 33.62
N ASP A 188 -1.32 14.60 34.35
CA ASP A 188 -1.39 13.25 33.81
C ASP A 188 -2.29 13.15 32.58
N ALA A 189 -3.21 14.09 32.40
CA ALA A 189 -4.09 14.13 31.23
C ALA A 189 -3.99 15.52 30.61
N ALA A 190 -2.99 15.72 29.75
CA ALA A 190 -2.81 16.98 29.05
C ALA A 190 -1.89 16.71 27.87
N THR A 191 -2.33 17.06 26.67
CA THR A 191 -1.67 16.69 25.43
C THR A 191 -1.53 17.89 24.51
N TRP A 192 -0.96 18.97 25.04
CA TRP A 192 -0.75 20.20 24.28
C TRP A 192 -0.19 19.91 22.89
N GLU A 193 -0.95 20.28 21.87
CA GLU A 193 -0.56 20.07 20.48
C GLU A 193 -0.17 21.39 19.84
N VAL A 194 0.90 21.35 19.04
CA VAL A 194 1.38 22.50 18.30
C VAL A 194 1.23 22.20 16.82
N PHE A 195 0.52 23.07 16.11
CA PHE A 195 0.37 22.98 14.66
C PHE A 195 1.15 24.11 14.01
N SER A 196 1.96 23.77 13.01
CA SER A 196 2.89 24.75 12.43
C SER A 196 2.14 25.91 11.81
N SER A 197 1.06 25.64 11.08
CA SER A 197 0.32 26.69 10.41
C SER A 197 -1.09 26.18 10.12
N LEU A 198 -1.92 27.07 9.58
CA LEU A 198 -3.30 26.72 9.26
C LEU A 198 -3.37 25.69 8.15
N ARG A 199 -2.49 25.79 7.16
CA ARG A 199 -2.53 24.88 6.02
C ARG A 199 -2.25 23.44 6.44
N GLU A 200 -1.40 23.23 7.45
CA GLU A 200 -1.17 21.87 7.93
C GLU A 200 -2.48 21.26 8.46
N LEU A 201 -3.20 22.00 9.29
CA LEU A 201 -4.47 21.53 9.81
C LEU A 201 -5.46 21.29 8.69
N GLU A 202 -5.48 22.17 7.70
CA GLU A 202 -6.35 21.96 6.54
C GLU A 202 -6.00 20.66 5.83
N LEU A 203 -4.71 20.37 5.69
CA LEU A 203 -4.29 19.14 5.01
C LEU A 203 -4.71 17.91 5.80
N LEU A 204 -4.54 17.92 7.12
CA LEU A 204 -5.02 16.76 7.89
C LEU A 204 -6.53 16.61 7.77
N GLY A 205 -7.27 17.72 7.82
CA GLY A 205 -8.71 17.61 7.69
C GLY A 205 -9.16 17.09 6.34
N ILE A 206 -8.54 17.58 5.26
CA ILE A 206 -8.92 17.12 3.93
C ILE A 206 -8.53 15.66 3.72
N LYS A 207 -7.37 15.26 4.24
CA LYS A 207 -7.01 13.85 4.19
C LYS A 207 -8.00 12.99 4.96
N ASN A 208 -8.45 13.48 6.12
CA ASN A 208 -9.48 12.76 6.87
C ASN A 208 -10.75 12.62 6.05
N ILE A 209 -11.15 13.69 5.36
CA ILE A 209 -12.37 13.66 4.57
C ILE A 209 -12.24 12.66 3.43
N ARG A 210 -11.12 12.69 2.71
CA ARG A 210 -10.91 11.79 1.59
C ARG A 210 -10.89 10.33 2.04
N LEU A 211 -10.13 10.04 3.10
CA LEU A 211 -10.07 8.68 3.61
C LEU A 211 -11.44 8.23 4.11
N ALA A 212 -12.18 9.12 4.76
CA ALA A 212 -13.51 8.80 5.25
C ALA A 212 -14.44 8.43 4.11
N SER A 213 -14.40 9.22 3.03
CA SER A 213 -15.16 8.86 1.84
C SER A 213 -14.80 7.47 1.36
N GLN A 214 -13.49 7.19 1.28
CA GLN A 214 -13.04 5.92 0.73
C GLN A 214 -13.50 4.72 1.57
N ASP A 215 -13.43 4.82 2.89
CA ASP A 215 -13.76 3.65 3.70
C ASP A 215 -15.18 3.66 4.23
N LEU A 216 -15.97 4.69 3.95
CA LEU A 216 -17.37 4.70 4.33
C LEU A 216 -18.31 4.51 3.15
N HIS A 217 -17.88 4.87 1.94
CA HIS A 217 -18.70 4.70 0.75
C HIS A 217 -17.99 3.99 -0.38
N GLY A 218 -16.73 3.59 -0.20
CA GLY A 218 -15.99 2.97 -1.28
C GLY A 218 -15.82 3.86 -2.48
N VAL A 219 -15.77 5.18 -2.28
CA VAL A 219 -15.77 6.15 -3.36
C VAL A 219 -14.57 7.06 -3.19
N ILE A 220 -13.78 7.19 -4.24
CA ILE A 220 -12.68 8.14 -4.28
C ILE A 220 -13.22 9.46 -4.82
N LEU A 221 -12.94 10.55 -4.11
CA LEU A 221 -13.47 11.85 -4.52
C LEU A 221 -12.94 12.22 -5.89
N SER A 222 -13.80 12.85 -6.70
CA SER A 222 -13.48 13.10 -8.09
C SER A 222 -12.28 14.04 -8.23
N SER A 223 -12.19 15.06 -7.38
CA SER A 223 -11.10 16.02 -7.47
C SER A 223 -10.80 16.58 -6.09
N GLU A 224 -9.74 17.38 -6.01
CA GLU A 224 -9.43 18.08 -4.77
C GLU A 224 -10.42 19.21 -4.49
N THR A 225 -11.07 19.74 -5.52
CA THR A 225 -12.04 20.81 -5.30
C THR A 225 -13.22 20.30 -4.48
N VAL A 226 -13.63 19.05 -4.70
CA VAL A 226 -14.73 18.50 -3.91
C VAL A 226 -14.34 18.39 -2.45
N ALA A 227 -13.14 17.87 -2.16
CA ALA A 227 -12.71 17.75 -0.78
C ALA A 227 -12.59 19.12 -0.12
N GLU A 228 -12.07 20.11 -0.85
CA GLU A 228 -11.99 21.46 -0.31
C GLU A 228 -13.38 22.04 -0.07
N ASP A 229 -14.33 21.72 -0.95
CA ASP A 229 -15.70 22.19 -0.76
C ASP A 229 -16.34 21.57 0.47
N ILE A 230 -16.11 20.27 0.69
CA ILE A 230 -16.64 19.64 1.90
C ILE A 230 -16.00 20.23 3.14
N TRP A 231 -14.69 20.49 3.09
CA TRP A 231 -14.01 21.14 4.20
C TRP A 231 -14.59 22.52 4.47
N CYS A 232 -14.84 23.29 3.42
CA CYS A 232 -15.42 24.62 3.58
C CYS A 232 -16.83 24.56 4.14
N ARG A 233 -17.63 23.58 3.71
CA ARG A 233 -18.97 23.43 4.24
C ARG A 233 -18.94 23.05 5.72
N ILE A 234 -18.01 22.18 6.10
CA ILE A 234 -17.86 21.83 7.52
C ILE A 234 -17.44 23.05 8.33
N LEU A 235 -16.52 23.86 7.79
CA LEU A 235 -16.11 25.08 8.46
C LEU A 235 -17.28 26.04 8.63
N ASP A 236 -18.10 26.19 7.59
CA ASP A 236 -19.28 27.05 7.67
C ASP A 236 -20.26 26.53 8.71
N THR A 237 -20.44 25.20 8.78
CA THR A 237 -21.31 24.62 9.79
C THR A 237 -20.81 24.95 11.18
N VAL A 238 -19.50 24.78 11.41
CA VAL A 238 -18.93 25.01 12.73
C VAL A 238 -19.06 26.46 13.13
N THR A 239 -18.73 27.38 12.22
CA THR A 239 -18.77 28.81 12.52
C THR A 239 -20.13 29.44 12.29
N ARG A 240 -21.09 28.70 11.72
CA ARG A 240 -22.44 29.21 11.47
C ARG A 240 -22.40 30.48 10.61
N LYS A 241 -21.58 30.48 9.57
CA LYS A 241 -21.42 31.62 8.67
C LYS A 241 -21.87 31.26 7.26
N GLY A 242 -22.98 30.54 7.14
CA GLY A 242 -23.50 30.14 5.85
C GLY A 242 -25.01 30.11 5.79
N GLU A 243 -25.56 29.06 5.22
CA GLU A 243 -27.01 28.91 5.06
C GLU A 243 -27.42 27.53 5.57
N HIS A 244 -28.64 27.44 6.09
CA HIS A 244 -29.05 26.29 6.89
C HIS A 244 -29.04 25.00 6.10
N SER A 245 -29.43 25.05 4.82
CA SER A 245 -29.50 23.82 4.02
C SER A 245 -28.13 23.17 3.87
N ARG A 246 -27.10 23.98 3.62
CA ARG A 246 -25.74 23.47 3.52
C ARG A 246 -25.06 23.52 4.89
N ARG A 247 -25.62 22.75 5.81
CA ARG A 247 -25.17 22.74 7.20
C ARG A 247 -25.49 21.39 7.82
N ILE A 248 -24.60 20.91 8.68
CA ILE A 248 -24.84 19.67 9.40
C ILE A 248 -25.97 19.88 10.39
N HIS A 249 -26.96 18.99 10.37
CA HIS A 249 -28.12 19.15 11.22
C HIS A 249 -27.77 18.99 12.68
N SER A 250 -28.33 19.85 13.52
CA SER A 250 -28.14 19.79 14.96
C SER A 250 -29.52 19.82 15.63
N ALA A 251 -29.82 18.80 16.42
CA ALA A 251 -31.08 18.78 17.15
C ALA A 251 -31.16 19.98 18.09
N ASP A 252 -30.08 20.28 18.77
CA ASP A 252 -29.90 21.53 19.49
C ASP A 252 -28.58 22.14 19.02
N ASP A 253 -28.51 23.48 19.06
CA ASP A 253 -27.29 24.15 18.67
C ASP A 253 -26.15 23.80 19.64
N LYS A 254 -24.93 24.23 19.32
CA LYS A 254 -23.71 24.05 20.10
C LYS A 254 -23.20 22.61 20.14
N SER A 255 -23.94 21.65 19.58
CA SER A 255 -23.54 20.26 19.63
C SER A 255 -23.83 19.59 18.30
N TYR A 256 -22.91 18.72 17.86
CA TYR A 256 -23.08 17.95 16.63
C TYR A 256 -22.87 16.48 16.95
N LEU A 257 -23.87 15.67 16.59
CA LEU A 257 -23.79 14.23 16.80
C LEU A 257 -23.21 13.55 15.57
N ARG A 258 -22.64 12.36 15.79
CA ARG A 258 -22.02 11.63 14.69
C ARG A 258 -22.99 11.23 13.59
N PRO A 259 -24.17 10.66 13.88
CA PRO A 259 -25.07 10.26 12.78
C PRO A 259 -25.48 11.40 11.86
N ASP A 260 -25.69 12.61 12.41
CA ASP A 260 -26.04 13.74 11.55
C ASP A 260 -24.90 14.07 10.59
N LEU A 261 -23.67 14.08 11.11
CA LEU A 261 -22.52 14.33 10.25
C LEU A 261 -22.36 13.23 9.22
N LEU A 262 -22.61 11.98 9.61
CA LEU A 262 -22.51 10.87 8.66
C LEU A 262 -23.51 11.01 7.53
N GLU A 263 -24.76 11.37 7.86
CA GLU A 263 -25.77 11.54 6.81
C GLU A 263 -25.44 12.72 5.91
N TRP A 264 -24.93 13.82 6.48
CA TRP A 264 -24.54 14.96 5.67
C TRP A 264 -23.38 14.60 4.73
N PHE A 265 -22.39 13.88 5.24
CA PHE A 265 -21.27 13.46 4.42
C PHE A 265 -21.72 12.49 3.34
N LYS A 266 -22.66 11.59 3.65
CA LYS A 266 -23.18 10.69 2.64
C LYS A 266 -23.87 11.47 1.53
N GLN A 267 -24.65 12.49 1.89
CA GLN A 267 -25.28 13.33 0.88
C GLN A 267 -24.22 13.99 0.00
N ARG A 268 -23.15 14.49 0.60
CA ARG A 268 -22.09 15.12 -0.18
C ARG A 268 -21.41 14.13 -1.11
N VAL A 269 -21.18 12.89 -0.64
CA VAL A 269 -20.51 11.88 -1.46
C VAL A 269 -21.39 11.47 -2.63
N GLU A 270 -22.70 11.28 -2.40
CA GLU A 270 -23.58 10.97 -3.52
C GLU A 270 -23.69 12.15 -4.48
N ASP A 271 -23.58 13.39 -3.98
CA ASP A 271 -23.50 14.54 -4.87
C ASP A 271 -22.26 14.46 -5.76
N ASP A 272 -21.12 14.08 -5.18
CA ASP A 272 -19.92 13.81 -5.97
C ASP A 272 -20.20 12.78 -7.05
N GLN A 273 -20.79 11.66 -6.67
CA GLN A 273 -21.02 10.57 -7.62
C GLN A 273 -21.94 11.01 -8.76
N SER A 274 -22.96 11.82 -8.44
CA SER A 274 -23.86 12.31 -9.48
C SER A 274 -23.14 13.26 -10.42
N ARG A 275 -22.42 14.26 -9.88
CA ARG A 275 -21.76 15.24 -10.72
C ARG A 275 -20.52 14.68 -11.42
N SER A 276 -20.05 13.50 -11.05
CA SER A 276 -18.90 12.90 -11.71
C SER A 276 -19.28 11.97 -12.85
N GLY A 277 -20.57 11.72 -13.06
CA GLY A 277 -21.02 10.83 -14.11
C GLY A 277 -21.12 9.39 -13.71
N ARG A 278 -20.65 9.03 -12.51
CA ARG A 278 -20.78 7.65 -12.03
C ARG A 278 -22.22 7.40 -11.60
N LYS A 279 -22.55 6.16 -11.24
CA LYS A 279 -23.90 5.81 -10.81
C LYS A 279 -23.82 5.44 -9.33
N ILE A 280 -24.69 6.05 -8.53
CA ILE A 280 -24.73 5.83 -7.09
C ILE A 280 -25.08 4.38 -6.80
N TYR A 281 -24.32 3.74 -5.89
CA TYR A 281 -24.60 2.38 -5.49
C TYR A 281 -25.76 2.35 -4.50
N VAL A 282 -26.80 1.61 -4.84
CA VAL A 282 -27.96 1.41 -3.99
C VAL A 282 -28.19 -0.10 -3.85
N LYS A 283 -28.35 -0.56 -2.61
CA LYS A 283 -28.64 -1.97 -2.39
C LYS A 283 -29.95 -2.34 -3.07
N ARG A 284 -29.90 -3.41 -3.85
CA ARG A 284 -31.07 -3.87 -4.59
C ARG A 284 -32.10 -4.44 -3.62
N ASP A 285 -33.37 -4.26 -3.97
CA ASP A 285 -34.44 -4.88 -3.20
C ASP A 285 -34.39 -6.39 -3.43
N LEU A 286 -33.78 -7.10 -2.49
CA LEU A 286 -33.52 -8.51 -2.69
C LEU A 286 -34.84 -9.29 -2.68
N PRO A 287 -34.98 -10.30 -3.54
CA PRO A 287 -36.26 -11.00 -3.66
C PRO A 287 -36.64 -11.70 -2.36
N HIS A 288 -37.93 -11.73 -2.09
CA HIS A 288 -38.47 -12.35 -0.89
C HIS A 288 -38.58 -13.86 -1.15
N ILE A 289 -37.60 -14.61 -0.66
CA ILE A 289 -37.64 -16.06 -0.72
C ILE A 289 -38.71 -16.53 0.25
N LEU A 290 -38.98 -17.84 0.26
CA LEU A 290 -40.27 -18.46 0.58
C LEU A 290 -41.13 -17.70 1.57
N THR A 291 -42.38 -17.45 1.21
CA THR A 291 -43.30 -16.73 2.06
C THR A 291 -43.65 -17.54 3.30
N PRO A 292 -43.96 -16.87 4.40
CA PRO A 292 -44.26 -17.60 5.65
C PRO A 292 -45.56 -18.39 5.56
N PHE A 293 -45.72 -19.31 6.51
CA PHE A 293 -46.94 -20.08 6.68
C PHE A 293 -47.99 -19.27 7.41
N ARG A 294 -49.03 -19.94 7.92
CA ARG A 294 -50.09 -19.28 8.66
C ARG A 294 -49.55 -18.78 9.99
N ALA A 295 -50.44 -18.32 10.86
CA ALA A 295 -50.05 -17.57 12.05
C ALA A 295 -49.00 -18.34 12.85
N PRO A 296 -47.97 -17.67 13.36
CA PRO A 296 -46.88 -18.38 14.03
C PRO A 296 -47.36 -19.19 15.23
N MET A 297 -46.74 -20.34 15.42
CA MET A 297 -47.06 -21.26 16.48
C MET A 297 -45.85 -21.44 17.39
N ALA A 298 -46.08 -21.44 18.69
CA ALA A 298 -45.00 -21.43 19.67
C ALA A 298 -45.44 -22.22 20.90
N SER A 299 -44.70 -22.06 21.99
CA SER A 299 -44.96 -22.76 23.24
C SER A 299 -45.58 -21.82 24.26
N VAL A 300 -46.04 -22.40 25.37
CA VAL A 300 -46.71 -21.63 26.40
C VAL A 300 -45.76 -20.63 27.04
N CYS A 301 -44.53 -21.06 27.35
CA CYS A 301 -43.57 -20.20 28.02
C CYS A 301 -42.92 -19.19 27.07
N ALA A 302 -43.19 -19.28 25.77
CA ALA A 302 -42.75 -18.31 24.77
C ALA A 302 -41.23 -18.27 24.63
N LYS A 303 -40.53 -19.33 25.01
CA LYS A 303 -39.10 -19.45 24.76
C LYS A 303 -38.79 -20.46 23.66
N ARG A 304 -39.80 -20.93 22.95
CA ARG A 304 -39.64 -21.77 21.77
C ARG A 304 -40.58 -21.26 20.70
N LYS A 305 -40.07 -21.10 19.48
CA LYS A 305 -40.84 -20.54 18.39
C LYS A 305 -40.71 -21.41 17.15
N GLY A 306 -41.77 -21.44 16.35
CA GLY A 306 -41.78 -22.20 15.12
C GLY A 306 -42.60 -21.54 14.04
N GLN A 307 -42.05 -21.42 12.85
CA GLN A 307 -42.73 -20.75 11.73
C GLN A 307 -42.37 -21.47 10.44
N VAL A 308 -43.37 -22.07 9.80
CA VAL A 308 -43.15 -22.77 8.54
C VAL A 308 -43.09 -21.76 7.39
N LEU A 309 -42.46 -22.16 6.29
CA LEU A 309 -42.19 -21.30 5.15
C LEU A 309 -42.52 -21.99 3.83
N HIS A 310 -43.73 -22.52 3.71
CA HIS A 310 -44.13 -23.25 2.52
C HIS A 310 -44.05 -22.34 1.29
N GLN A 311 -44.01 -22.96 0.11
CA GLN A 311 -44.09 -22.25 -1.15
C GLN A 311 -45.30 -22.76 -1.94
N GLN A 312 -46.09 -21.83 -2.46
CA GLN A 312 -47.30 -22.20 -3.17
C GLN A 312 -46.97 -22.75 -4.56
N TYR A 313 -47.90 -23.54 -5.10
CA TYR A 313 -47.77 -24.06 -6.45
C TYR A 313 -48.18 -23.00 -7.47
N SER A 314 -47.96 -23.31 -8.74
CA SER A 314 -48.32 -22.44 -9.86
C SER A 314 -48.96 -23.29 -10.95
N LEU A 315 -50.29 -23.34 -10.95
CA LEU A 315 -51.06 -24.09 -11.95
C LEU A 315 -50.66 -25.56 -11.94
N LYS A 316 -50.97 -26.22 -10.82
CA LYS A 316 -50.83 -27.66 -10.62
C LYS A 316 -49.37 -28.10 -10.51
N LYS A 317 -48.41 -27.18 -10.65
CA LYS A 317 -46.99 -27.53 -10.69
C LYS A 317 -46.23 -26.68 -9.69
N TYR A 318 -45.27 -27.31 -9.00
CA TYR A 318 -44.44 -26.61 -8.03
C TYR A 318 -43.47 -25.66 -8.72
N ARG A 319 -43.19 -24.55 -8.05
CA ARG A 319 -42.32 -23.51 -8.60
C ARG A 319 -40.88 -23.71 -8.15
N TYR A 320 -40.30 -24.83 -8.57
CA TYR A 320 -38.89 -25.10 -8.28
C TYR A 320 -37.98 -24.07 -8.93
N LYS A 321 -38.24 -23.74 -10.19
CA LYS A 321 -37.43 -22.75 -10.89
C LYS A 321 -37.53 -21.39 -10.22
N HIS A 322 -38.72 -21.01 -9.77
CA HIS A 322 -38.89 -19.73 -9.08
C HIS A 322 -38.06 -19.69 -7.80
N ILE A 323 -38.11 -20.75 -7.00
CA ILE A 323 -37.33 -20.79 -5.77
C ILE A 323 -35.85 -20.72 -6.08
N ALA A 324 -35.40 -21.49 -7.08
CA ALA A 324 -33.97 -21.55 -7.37
C ALA A 324 -33.45 -20.21 -7.89
N ASP A 325 -34.16 -19.59 -8.83
CA ASP A 325 -33.65 -18.34 -9.39
C ASP A 325 -33.92 -17.17 -8.46
N ASN A 326 -34.76 -17.34 -7.45
CA ASN A 326 -34.83 -16.35 -6.38
C ASN A 326 -33.66 -16.51 -5.42
N VAL A 327 -33.26 -17.75 -5.13
CA VAL A 327 -32.14 -17.99 -4.23
C VAL A 327 -30.85 -17.50 -4.85
N CYS A 328 -30.63 -17.78 -6.14
CA CYS A 328 -29.36 -17.39 -6.76
C CYS A 328 -29.18 -15.88 -6.85
N GLN A 329 -30.23 -15.10 -6.62
CA GLN A 329 -30.02 -13.66 -6.44
C GLN A 329 -29.27 -13.37 -5.15
N TRP A 330 -29.36 -14.27 -4.17
CA TRP A 330 -28.61 -14.14 -2.92
C TRP A 330 -27.22 -14.75 -3.05
N LEU A 331 -26.51 -14.36 -4.10
CA LEU A 331 -25.12 -14.76 -4.30
C LEU A 331 -24.13 -13.80 -3.66
N ASP A 332 -24.51 -12.54 -3.52
CA ASP A 332 -23.62 -11.51 -2.99
C ASP A 332 -23.97 -11.07 -1.58
N GLU A 333 -25.23 -11.21 -1.17
CA GLU A 333 -25.62 -10.85 0.19
C GLU A 333 -25.14 -11.87 1.20
N VAL A 334 -24.91 -13.11 0.77
CA VAL A 334 -24.55 -14.18 1.69
C VAL A 334 -23.05 -14.45 1.68
N PHE A 335 -22.41 -14.34 0.52
CA PHE A 335 -20.99 -14.62 0.40
C PHE A 335 -20.13 -13.40 0.69
N LEU A 336 -20.51 -12.24 0.15
CA LEU A 336 -19.65 -11.08 0.15
C LEU A 336 -19.94 -10.17 1.34
N ARG A 337 -19.27 -9.02 1.37
CA ARG A 337 -19.43 -7.97 2.35
C ARG A 337 -19.79 -6.66 1.65
N PRO A 338 -20.53 -5.77 2.30
CA PRO A 338 -20.97 -4.54 1.62
C PRO A 338 -19.81 -3.70 1.07
N LYS A 339 -18.69 -3.65 1.78
CA LYS A 339 -17.55 -2.86 1.30
C LYS A 339 -17.02 -3.40 -0.02
N GLU A 340 -16.98 -4.72 -0.17
CA GLU A 340 -16.62 -5.32 -1.44
C GLU A 340 -17.82 -5.58 -2.35
N MET A 341 -19.05 -5.39 -1.83
CA MET A 341 -20.21 -5.45 -2.70
C MET A 341 -20.36 -4.17 -3.52
N SER A 342 -19.97 -3.03 -2.96
CA SER A 342 -19.95 -1.81 -3.76
C SER A 342 -18.93 -1.86 -4.88
N ASP A 343 -17.81 -2.56 -4.66
CA ASP A 343 -16.83 -2.74 -5.73
C ASP A 343 -17.40 -3.54 -6.90
N ILE A 344 -18.33 -4.47 -6.62
CA ILE A 344 -19.03 -5.15 -7.69
C ILE A 344 -19.79 -4.15 -8.55
N HIS A 345 -20.49 -3.21 -7.91
CA HIS A 345 -21.16 -2.16 -8.65
C HIS A 345 -20.17 -1.32 -9.45
N LYS A 346 -18.98 -1.10 -8.90
CA LYS A 346 -17.96 -0.34 -9.63
C LYS A 346 -17.49 -1.04 -10.90
N LEU A 347 -17.77 -2.33 -11.05
CA LEU A 347 -17.46 -3.03 -12.29
C LEU A 347 -18.51 -2.71 -13.35
N THR A 348 -18.05 -2.43 -14.56
CA THR A 348 -18.97 -2.23 -15.68
C THR A 348 -19.54 -3.59 -16.10
N PHE A 349 -20.53 -3.57 -16.99
CA PHE A 349 -21.28 -4.79 -17.30
C PHE A 349 -20.38 -5.86 -17.89
N ILE A 350 -19.48 -5.49 -18.80
CA ILE A 350 -18.71 -6.51 -19.52
C ILE A 350 -17.73 -7.21 -18.59
N GLU A 351 -17.06 -6.46 -17.70
CA GLU A 351 -16.19 -7.10 -16.73
C GLU A 351 -16.97 -7.99 -15.77
N LYS A 352 -18.17 -7.55 -15.37
CA LYS A 352 -19.00 -8.35 -14.48
C LYS A 352 -19.39 -9.67 -15.16
N ARG A 353 -19.72 -9.64 -16.45
CA ARG A 353 -19.92 -10.88 -17.18
C ARG A 353 -18.65 -11.70 -17.23
N GLU A 354 -17.61 -11.18 -17.87
CA GLU A 354 -16.40 -11.96 -18.18
C GLU A 354 -15.34 -11.84 -17.09
N ARG A 355 -15.73 -12.06 -15.85
CA ARG A 355 -14.76 -12.30 -14.78
C ARG A 355 -15.12 -13.52 -13.95
N LEU A 356 -16.39 -13.69 -13.60
CA LEU A 356 -16.84 -14.87 -12.86
C LEU A 356 -17.46 -15.88 -13.81
N LYS A 357 -16.66 -16.41 -14.73
CA LYS A 357 -17.16 -17.39 -15.68
C LYS A 357 -17.08 -18.81 -15.12
N ASN A 358 -15.99 -19.14 -14.43
CA ASN A 358 -15.89 -20.44 -13.79
C ASN A 358 -16.78 -20.49 -12.55
N SER A 359 -17.17 -21.70 -12.18
CA SER A 359 -18.03 -21.89 -11.02
C SER A 359 -17.19 -21.91 -9.76
N VAL A 360 -17.56 -21.06 -8.79
CA VAL A 360 -16.87 -21.03 -7.51
C VAL A 360 -17.19 -22.24 -6.64
N PHE A 361 -18.15 -23.07 -7.05
CA PHE A 361 -18.52 -24.26 -6.32
C PHE A 361 -17.88 -25.49 -6.96
N LYS A 362 -17.36 -26.38 -6.13
CA LYS A 362 -16.64 -27.55 -6.61
C LYS A 362 -17.38 -28.87 -6.40
N SER A 363 -18.46 -28.88 -5.63
CA SER A 363 -19.19 -30.11 -5.34
C SER A 363 -20.64 -29.78 -5.03
N LEU A 364 -21.49 -30.81 -5.09
CA LEU A 364 -22.87 -30.69 -4.66
C LEU A 364 -23.02 -30.58 -3.16
N HIS A 365 -22.01 -31.01 -2.40
CA HIS A 365 -22.03 -30.87 -0.95
C HIS A 365 -21.50 -29.49 -0.57
N ASP A 366 -21.14 -28.69 -1.57
CA ASP A 366 -20.82 -27.28 -1.38
C ASP A 366 -21.92 -26.35 -1.87
N VAL A 367 -22.79 -26.82 -2.75
CA VAL A 367 -23.97 -26.04 -3.14
C VAL A 367 -25.09 -26.21 -2.11
N SER A 368 -25.22 -27.42 -1.55
CA SER A 368 -26.27 -27.66 -0.56
C SER A 368 -26.09 -26.77 0.67
N GLU A 369 -24.85 -26.62 1.13
CA GLU A 369 -24.59 -25.72 2.25
C GLU A 369 -24.95 -24.28 1.90
N PHE A 370 -24.60 -23.83 0.71
CA PHE A 370 -24.92 -22.47 0.30
C PHE A 370 -26.42 -22.25 0.29
N LEU A 371 -27.18 -23.19 -0.29
CA LEU A 371 -28.63 -23.04 -0.35
C LEU A 371 -29.24 -23.08 1.05
N GLY A 372 -28.77 -24.02 1.89
CA GLY A 372 -29.32 -24.14 3.22
C GLY A 372 -29.08 -22.93 4.08
N ARG A 373 -27.93 -22.28 3.91
CA ARG A 373 -27.65 -21.06 4.65
C ARG A 373 -28.30 -19.83 4.01
N VAL A 374 -28.54 -19.84 2.70
CA VAL A 374 -29.24 -18.74 2.06
C VAL A 374 -30.69 -18.71 2.51
N LEU A 375 -31.32 -19.88 2.61
CA LEU A 375 -32.71 -19.92 3.08
C LEU A 375 -32.84 -19.31 4.47
N LEU A 376 -31.92 -19.65 5.38
CA LEU A 376 -31.97 -19.09 6.72
C LEU A 376 -31.62 -17.61 6.74
N HIS A 377 -30.61 -17.20 5.96
CA HIS A 377 -30.19 -15.82 5.90
C HIS A 377 -31.29 -14.92 5.34
N ALA A 378 -32.16 -15.44 4.49
CA ALA A 378 -33.32 -14.68 4.00
C ALA A 378 -34.54 -14.82 4.90
N THR A 379 -34.71 -15.97 5.55
CA THR A 379 -35.82 -16.13 6.48
C THR A 379 -35.69 -15.16 7.65
N ILE A 380 -34.46 -14.99 8.16
CA ILE A 380 -34.27 -14.06 9.27
C ILE A 380 -34.62 -12.64 8.85
N ARG A 381 -34.21 -12.24 7.65
CA ARG A 381 -34.54 -10.89 7.17
C ARG A 381 -36.05 -10.72 6.97
N GLN A 382 -36.71 -11.73 6.42
CA GLN A 382 -38.14 -11.63 6.19
C GLN A 382 -38.91 -11.58 7.51
N HIS A 383 -38.42 -12.31 8.52
CA HIS A 383 -39.14 -12.41 9.79
C HIS A 383 -39.09 -11.11 10.59
N HIS A 384 -38.10 -10.25 10.32
CA HIS A 384 -37.91 -9.03 11.09
C HIS A 384 -38.32 -7.84 10.25
N GLU A 385 -39.11 -6.94 10.84
CA GLU A 385 -39.56 -5.75 10.13
C GLU A 385 -38.38 -4.87 9.75
N SER A 386 -37.45 -4.66 10.66
CA SER A 386 -36.21 -3.94 10.38
C SER A 386 -35.13 -4.92 9.98
N GLN A 387 -34.28 -4.50 9.05
CA GLN A 387 -33.26 -5.38 8.50
C GLN A 387 -32.21 -5.70 9.56
N PRO A 388 -31.99 -6.97 9.90
CA PRO A 388 -30.93 -7.31 10.86
C PRO A 388 -29.55 -7.14 10.25
N ILE A 389 -28.56 -7.08 11.12
CA ILE A 389 -27.17 -6.83 10.73
C ILE A 389 -26.46 -8.17 10.66
N PRO A 390 -26.00 -8.60 9.48
CA PRO A 390 -25.35 -9.92 9.38
C PRO A 390 -23.89 -9.85 9.84
N CYS A 391 -23.49 -10.82 10.67
CA CYS A 391 -22.21 -10.84 11.34
C CYS A 391 -21.82 -12.28 11.64
N MET A 392 -20.56 -12.48 12.01
CA MET A 392 -20.00 -13.80 12.31
C MET A 392 -19.43 -13.81 13.72
N LEU A 393 -19.34 -15.00 14.31
CA LEU A 393 -18.88 -15.14 15.69
C LEU A 393 -17.77 -16.18 15.79
N TYR A 394 -16.66 -15.82 16.41
CA TYR A 394 -15.54 -16.72 16.65
C TYR A 394 -15.42 -16.99 18.14
N VAL A 395 -15.40 -18.26 18.51
CA VAL A 395 -15.36 -18.67 19.91
C VAL A 395 -14.37 -19.82 20.06
N GLU A 396 -13.60 -19.81 21.15
CA GLU A 396 -12.66 -20.89 21.39
C GLU A 396 -13.36 -22.11 21.97
N LYS A 397 -12.69 -23.26 21.81
CA LYS A 397 -13.16 -24.57 22.27
C LYS A 397 -11.91 -25.38 22.59
N ALA A 398 -11.55 -25.43 23.87
CA ALA A 398 -10.37 -26.15 24.34
C ALA A 398 -9.12 -25.69 23.59
N GLY A 399 -9.05 -24.39 23.33
CA GLY A 399 -7.93 -23.81 22.63
C GLY A 399 -7.99 -23.88 21.11
N ALA A 400 -9.08 -24.36 20.53
CA ALA A 400 -9.24 -24.45 19.10
C ALA A 400 -10.31 -23.47 18.63
N GLU A 401 -10.14 -22.95 17.42
CA GLU A 401 -11.11 -22.01 16.89
C GLU A 401 -12.45 -22.70 16.67
N LYS A 402 -13.52 -21.89 16.69
CA LYS A 402 -14.85 -22.35 16.31
C LYS A 402 -15.54 -21.18 15.64
N ILE A 403 -15.84 -21.34 14.35
CA ILE A 403 -16.46 -20.29 13.56
C ILE A 403 -17.97 -20.51 13.55
N LEU A 404 -18.73 -19.42 13.58
CA LEU A 404 -20.18 -19.45 13.53
C LEU A 404 -20.59 -18.39 12.52
N GLU A 405 -20.89 -18.83 11.30
CA GLU A 405 -21.47 -17.95 10.31
C GLU A 405 -22.97 -17.83 10.55
N ASN A 406 -23.61 -16.95 9.77
CA ASN A 406 -25.05 -16.72 9.86
C ASN A 406 -25.44 -16.27 11.26
N VAL A 407 -24.81 -15.20 11.71
CA VAL A 407 -25.18 -14.51 12.95
C VAL A 407 -25.80 -13.19 12.54
N HIS A 408 -26.70 -12.67 13.38
CA HIS A 408 -27.36 -11.40 13.09
C HIS A 408 -27.56 -10.61 14.38
N ILE A 409 -27.61 -9.29 14.22
CA ILE A 409 -27.89 -8.37 15.30
C ILE A 409 -29.21 -7.70 14.98
N VAL A 410 -30.20 -7.87 15.84
CA VAL A 410 -31.49 -7.22 15.65
C VAL A 410 -31.58 -6.04 16.60
N ARG A 411 -32.32 -5.02 16.19
CA ARG A 411 -32.38 -3.75 16.90
C ARG A 411 -33.74 -3.64 17.60
N ARG A 412 -33.83 -4.17 18.81
CA ARG A 412 -35.00 -4.01 19.66
C ARG A 412 -34.75 -2.86 20.62
N ASP A 413 -35.08 -1.65 20.16
CA ASP A 413 -34.79 -0.45 20.93
C ASP A 413 -35.40 -0.44 22.33
N PRO A 414 -36.66 -0.84 22.55
CA PRO A 414 -37.18 -0.85 23.93
C PRO A 414 -36.47 -1.82 24.85
N GLU A 415 -35.78 -2.82 24.31
CA GLU A 415 -35.13 -3.84 25.14
C GLU A 415 -33.61 -3.88 24.99
N GLY A 416 -33.08 -3.58 23.82
CA GLY A 416 -31.64 -3.64 23.62
C GLY A 416 -31.22 -3.99 22.22
N ASP A 417 -30.38 -5.02 22.09
CA ASP A 417 -29.90 -5.48 20.78
C ASP A 417 -29.67 -6.98 20.88
N GLN A 418 -30.65 -7.76 20.46
CA GLN A 418 -30.53 -9.21 20.55
C GLN A 418 -29.59 -9.75 19.48
N LEU A 419 -28.88 -10.83 19.84
CA LEU A 419 -27.98 -11.52 18.94
C LEU A 419 -28.60 -12.86 18.55
N TRP A 420 -28.91 -13.01 17.27
CA TRP A 420 -29.48 -14.25 16.74
C TRP A 420 -28.34 -15.07 16.14
N ILE A 421 -28.14 -16.27 16.66
CA ILE A 421 -27.11 -17.17 16.16
C ILE A 421 -27.81 -18.27 15.36
N GLY A 422 -27.49 -18.36 14.08
CA GLY A 422 -28.24 -19.16 13.13
C GLY A 422 -27.49 -20.41 12.70
N PHE A 423 -28.21 -21.53 12.67
CA PHE A 423 -27.68 -22.79 12.19
C PHE A 423 -28.62 -23.36 11.14
N SER A 424 -28.05 -23.77 10.01
CA SER A 424 -28.82 -24.32 8.91
C SER A 424 -28.70 -25.83 8.85
N GLU A 425 -29.62 -26.45 8.14
CA GLU A 425 -29.63 -27.91 7.97
C GLU A 425 -30.59 -28.25 6.85
N LEU A 426 -30.16 -29.16 5.97
CA LEU A 426 -30.99 -29.64 4.86
C LEU A 426 -30.94 -31.16 4.91
N VAL A 427 -31.82 -31.76 5.70
CA VAL A 427 -31.79 -33.20 5.89
C VAL A 427 -32.41 -33.88 4.68
N THR A 428 -31.66 -34.81 4.09
CA THR A 428 -32.12 -35.54 2.91
C THR A 428 -31.79 -37.03 2.97
N ASP A 429 -31.35 -37.54 4.11
CA ASP A 429 -30.95 -38.94 4.24
C ASP A 429 -31.89 -39.73 5.13
N ILE A 430 -32.11 -39.29 6.36
CA ILE A 430 -33.01 -39.96 7.28
C ILE A 430 -34.25 -39.08 7.46
N ASN A 431 -35.31 -39.67 7.99
CA ASN A 431 -36.52 -38.91 8.23
C ASN A 431 -36.29 -37.85 9.30
N ILE A 432 -37.05 -36.76 9.21
CA ILE A 432 -36.85 -35.63 10.11
C ILE A 432 -37.25 -35.96 11.54
N ALA A 433 -38.13 -36.95 11.73
CA ALA A 433 -38.65 -37.25 13.06
C ALA A 433 -37.54 -37.64 14.02
N VAL A 434 -36.60 -38.48 13.58
CA VAL A 434 -35.50 -38.88 14.43
C VAL A 434 -34.29 -37.96 14.27
N ARG A 435 -34.22 -37.19 13.18
CA ARG A 435 -33.09 -36.29 12.97
C ARG A 435 -33.20 -35.04 13.84
N LEU A 436 -34.42 -34.55 14.05
CA LEU A 436 -34.58 -33.29 14.80
C LEU A 436 -34.01 -33.34 16.20
N PRO A 437 -34.22 -34.40 17.01
CA PRO A 437 -33.55 -34.43 18.32
C PRO A 437 -32.03 -34.39 18.22
N GLU A 438 -31.44 -35.02 17.21
CA GLU A 438 -29.99 -34.94 17.04
C GLU A 438 -29.55 -33.51 16.75
N ILE A 439 -30.29 -32.81 15.90
CA ILE A 439 -29.97 -31.42 15.61
C ILE A 439 -30.10 -30.57 16.87
N ARG A 440 -31.12 -30.84 17.69
CA ARG A 440 -31.29 -30.09 18.92
C ARG A 440 -30.16 -30.37 19.91
N ASP A 441 -29.70 -31.62 19.97
CA ASP A 441 -28.59 -31.95 20.86
C ASP A 441 -27.32 -31.23 20.40
N GLN A 442 -27.03 -31.25 19.11
CA GLN A 442 -25.87 -30.52 18.59
C GLN A 442 -26.01 -29.03 18.84
N LEU A 443 -27.22 -28.49 18.68
CA LEU A 443 -27.47 -27.09 18.98
C LEU A 443 -27.18 -26.78 20.44
N TYR A 444 -27.58 -27.68 21.34
CA TYR A 444 -27.34 -27.46 22.77
C TYR A 444 -25.85 -27.49 23.08
N GLU A 445 -25.11 -28.40 22.45
CA GLU A 445 -23.66 -28.41 22.64
C GLU A 445 -23.03 -27.10 22.15
N ASP A 446 -23.45 -26.62 20.98
CA ASP A 446 -22.93 -25.36 20.49
C ASP A 446 -23.29 -24.21 21.43
N ILE A 447 -24.51 -24.20 21.94
CA ILE A 447 -24.95 -23.14 22.84
C ILE A 447 -24.14 -23.16 24.13
N SER A 448 -23.92 -24.35 24.69
CA SER A 448 -23.07 -24.46 25.87
C SER A 448 -21.64 -24.04 25.58
N ASP A 449 -21.21 -24.14 24.33
CA ASP A 449 -19.92 -23.60 23.94
C ASP A 449 -19.99 -22.13 23.53
N CYS A 450 -21.17 -21.51 23.58
CA CYS A 450 -21.33 -20.10 23.22
C CYS A 450 -21.56 -19.20 24.43
N ILE A 451 -22.58 -19.49 25.23
CA ILE A 451 -22.96 -18.60 26.33
C ILE A 451 -22.48 -19.12 27.68
N ASP A 452 -21.62 -20.14 27.70
CA ASP A 452 -21.05 -20.66 28.94
C ASP A 452 -19.53 -20.63 28.79
N THR A 453 -18.94 -19.46 29.09
CA THR A 453 -17.50 -19.28 29.03
C THR A 453 -17.17 -17.95 29.70
N ALA A 454 -15.90 -17.83 30.12
CA ALA A 454 -15.38 -16.58 30.64
C ALA A 454 -14.37 -15.93 29.71
N ARG A 455 -14.01 -16.59 28.62
CA ARG A 455 -13.05 -16.06 27.66
C ARG A 455 -13.77 -15.28 26.58
N LYS A 456 -13.07 -14.28 26.02
CA LYS A 456 -13.67 -13.36 25.07
C LYS A 456 -14.17 -14.09 23.82
N LYS A 457 -15.09 -13.44 23.12
CA LYS A 457 -15.61 -13.90 21.85
C LYS A 457 -15.43 -12.80 20.82
N ILE A 458 -15.11 -13.18 19.60
CA ILE A 458 -14.86 -12.22 18.52
C ILE A 458 -16.12 -12.09 17.69
N LEU A 459 -16.55 -10.85 17.46
CA LEU A 459 -17.76 -10.58 16.66
C LEU A 459 -17.35 -9.77 15.44
N ASP A 460 -17.39 -10.42 14.27
CA ASP A 460 -17.12 -9.75 13.00
C ASP A 460 -18.42 -9.13 12.51
N ILE A 461 -18.54 -7.81 12.67
CA ILE A 461 -19.83 -7.14 12.48
C ILE A 461 -20.29 -7.23 11.03
N LYS A 462 -19.36 -7.08 10.08
CA LYS A 462 -19.64 -7.28 8.65
C LYS A 462 -20.69 -6.29 8.13
N ASP A 463 -20.72 -5.08 8.67
CA ASP A 463 -21.64 -4.07 8.14
C ASP A 463 -20.95 -2.72 7.95
N ASP A 464 -19.87 -2.48 8.69
CA ASP A 464 -18.98 -1.34 8.49
C ASP A 464 -19.68 -0.07 8.98
N ASN A 465 -20.97 -0.16 9.27
CA ASN A 465 -21.75 1.02 9.67
C ASN A 465 -22.58 0.80 10.92
N TYR A 466 -22.35 -0.28 11.66
CA TYR A 466 -23.09 -0.56 12.88
C TYR A 466 -22.21 -0.26 14.08
N LEU A 467 -22.71 0.60 14.97
CA LEU A 467 -21.98 0.97 16.18
C LEU A 467 -22.37 0.00 17.29
N LEU A 468 -21.41 -0.81 17.73
CA LEU A 468 -21.67 -1.83 18.74
C LEU A 468 -21.76 -1.17 20.10
N ARG A 469 -22.96 -1.14 20.68
CA ARG A 469 -23.16 -0.57 21.99
C ARG A 469 -22.71 -1.56 23.07
N HIS A 470 -22.60 -1.06 24.30
CA HIS A 470 -22.11 -1.86 25.41
C HIS A 470 -23.03 -3.02 25.76
N ASP A 471 -24.28 -2.99 25.32
CA ASP A 471 -25.23 -4.04 25.69
C ASP A 471 -24.75 -5.41 25.19
N ILE A 472 -24.18 -5.46 24.00
CA ILE A 472 -23.61 -6.69 23.46
C ILE A 472 -22.12 -6.80 23.78
N ASP A 473 -21.41 -5.66 23.77
CA ASP A 473 -19.98 -5.68 24.03
C ASP A 473 -19.66 -6.22 25.42
N GLU A 474 -20.58 -6.05 26.38
CA GLU A 474 -20.35 -6.63 27.70
C GLU A 474 -20.39 -8.15 27.66
N ILE A 475 -21.26 -8.73 26.84
CA ILE A 475 -21.28 -10.18 26.68
C ILE A 475 -20.06 -10.64 25.91
N LEU A 476 -19.64 -9.88 24.90
CA LEU A 476 -18.51 -10.30 24.07
C LEU A 476 -17.23 -10.40 24.87
N ASP A 477 -16.94 -9.41 25.73
CA ASP A 477 -15.69 -9.42 26.48
C ASP A 477 -15.60 -10.57 27.46
N GLY A 478 -16.74 -11.11 27.90
CA GLY A 478 -16.72 -12.26 28.79
C GLY A 478 -16.13 -11.99 30.15
N SER A 479 -15.92 -10.73 30.51
CA SER A 479 -15.34 -10.41 31.80
C SER A 479 -16.31 -10.66 32.95
N GLN A 480 -17.61 -10.59 32.67
CA GLN A 480 -18.61 -10.80 33.69
C GLN A 480 -19.50 -11.99 33.37
N PRO A 481 -19.95 -12.73 34.37
CA PRO A 481 -20.92 -13.82 34.11
C PRO A 481 -22.26 -13.26 33.69
N PHE A 482 -23.02 -14.10 32.99
CA PHE A 482 -24.29 -13.66 32.45
C PHE A 482 -25.25 -13.26 33.58
N ASP A 483 -25.67 -12.01 33.58
CA ASP A 483 -26.65 -11.50 34.54
C ASP A 483 -28.00 -11.45 33.84
N ALA A 484 -28.64 -12.62 33.73
CA ALA A 484 -29.85 -12.80 32.94
C ALA A 484 -29.63 -12.35 31.49
N HIS A 485 -28.45 -12.64 30.95
CA HIS A 485 -28.11 -12.31 29.58
C HIS A 485 -28.72 -13.27 28.58
N LEU A 486 -29.38 -14.33 29.04
CA LEU A 486 -30.00 -15.29 28.14
C LEU A 486 -31.12 -14.66 27.30
N ASP A 487 -31.63 -13.50 27.71
CA ASP A 487 -32.59 -12.80 26.87
C ASP A 487 -31.90 -12.10 25.70
N ARG A 488 -30.61 -11.78 25.85
CA ARG A 488 -29.89 -11.09 24.79
C ARG A 488 -29.52 -12.03 23.65
N PHE A 489 -29.27 -13.29 23.95
CA PHE A 489 -28.88 -14.28 22.94
C PHE A 489 -30.10 -15.13 22.61
N THR A 490 -30.37 -15.30 21.31
CA THR A 490 -31.36 -16.26 20.85
C THR A 490 -30.77 -17.05 19.70
N PHE A 491 -31.18 -18.31 19.59
CA PHE A 491 -30.63 -19.24 18.62
C PHE A 491 -31.72 -19.67 17.65
N VAL A 492 -31.45 -19.48 16.36
CA VAL A 492 -32.41 -19.78 15.30
C VAL A 492 -31.85 -20.91 14.45
N LEU A 493 -32.71 -21.88 14.13
CA LEU A 493 -32.30 -23.07 13.41
C LEU A 493 -33.25 -23.29 12.23
N PHE A 494 -32.68 -23.48 11.04
CA PHE A 494 -33.45 -23.75 9.84
C PHE A 494 -33.33 -25.23 9.52
N VAL A 495 -34.47 -25.89 9.30
CA VAL A 495 -34.53 -27.32 9.03
C VAL A 495 -35.40 -27.52 7.80
N GLY A 496 -34.78 -27.61 6.63
CA GLY A 496 -35.50 -28.00 5.42
C GLY A 496 -35.47 -29.51 5.25
N TYR A 497 -36.59 -30.05 4.78
CA TYR A 497 -36.71 -31.50 4.67
C TYR A 497 -37.66 -31.85 3.54
N ASP A 498 -37.50 -33.06 3.02
CA ASP A 498 -38.38 -33.59 1.97
C ASP A 498 -39.60 -34.20 2.65
N SER A 499 -40.70 -33.46 2.68
CA SER A 499 -41.90 -33.94 3.33
C SER A 499 -42.56 -35.02 2.49
N ASN A 500 -43.15 -36.01 3.17
CA ASN A 500 -43.89 -37.05 2.47
C ASN A 500 -45.14 -36.49 1.80
N LEU A 501 -45.81 -35.54 2.45
CA LEU A 501 -47.06 -34.99 1.90
C LEU A 501 -46.81 -34.27 0.58
N LEU A 502 -45.73 -33.49 0.49
CA LEU A 502 -45.45 -32.72 -0.71
C LEU A 502 -44.87 -33.64 -1.79
N THR A 503 -45.57 -33.73 -2.91
CA THR A 503 -45.15 -34.54 -4.04
C THR A 503 -45.12 -33.67 -5.29
N GLU A 504 -44.59 -34.24 -6.38
CA GLU A 504 -44.62 -33.54 -7.66
C GLU A 504 -46.05 -33.22 -8.10
N PRO A 505 -47.01 -34.15 -8.04
CA PRO A 505 -48.41 -33.73 -8.16
C PRO A 505 -48.81 -32.85 -6.99
N GLU A 506 -49.68 -31.88 -7.26
CA GLU A 506 -50.05 -30.92 -6.23
C GLU A 506 -50.82 -31.58 -5.08
N THR A 507 -51.54 -32.67 -5.35
CA THR A 507 -52.32 -33.38 -4.34
C THR A 507 -53.24 -32.42 -3.61
N PRO A 508 -54.35 -31.98 -4.26
CA PRO A 508 -55.22 -30.95 -3.67
C PRO A 508 -55.50 -31.13 -2.18
N GLY A 509 -55.14 -30.12 -1.39
CA GLY A 509 -55.31 -30.19 0.05
C GLY A 509 -54.03 -30.52 0.77
N PHE A 510 -52.92 -29.91 0.36
CA PHE A 510 -51.63 -30.16 1.01
C PHE A 510 -51.50 -29.30 2.26
N GLU A 511 -52.59 -29.20 3.01
CA GLU A 511 -52.62 -28.39 4.23
C GLU A 511 -53.30 -29.22 5.31
N ASP A 512 -53.64 -28.56 6.42
CA ASP A 512 -54.33 -29.20 7.53
C ASP A 512 -53.49 -30.32 8.11
N ASP A 513 -53.28 -31.39 7.34
CA ASP A 513 -52.42 -32.48 7.78
C ASP A 513 -50.98 -32.01 7.97
N LEU A 514 -50.50 -31.16 7.06
CA LEU A 514 -49.16 -30.62 7.20
C LEU A 514 -49.05 -29.70 8.42
N GLU A 515 -50.12 -29.00 8.76
CA GLU A 515 -50.10 -28.14 9.94
C GLU A 515 -49.85 -28.95 11.21
N LYS A 516 -50.60 -30.02 11.41
CA LYS A 516 -50.34 -30.89 12.55
C LYS A 516 -49.01 -31.64 12.42
N GLU A 517 -48.58 -31.93 11.19
CA GLU A 517 -47.28 -32.57 11.01
C GLU A 517 -46.14 -31.69 11.52
N THR A 518 -46.13 -30.42 11.11
CA THR A 518 -45.11 -29.50 11.59
C THR A 518 -45.33 -29.14 13.06
N ALA A 519 -46.57 -29.22 13.57
CA ALA A 519 -46.78 -29.05 15.00
C ALA A 519 -46.11 -30.17 15.79
N VAL A 520 -46.28 -31.41 15.34
CA VAL A 520 -45.61 -32.53 15.99
C VAL A 520 -44.10 -32.39 15.86
N LEU A 521 -43.63 -31.89 14.71
CA LEU A 521 -42.21 -31.66 14.53
C LEU A 521 -41.68 -30.61 15.51
N PHE A 522 -42.45 -29.53 15.72
CA PHE A 522 -42.04 -28.50 16.68
C PHE A 522 -42.11 -29.01 18.11
N GLU A 523 -42.98 -30.00 18.37
CA GLU A 523 -43.07 -30.57 19.71
C GLU A 523 -41.73 -31.12 20.17
N LYS A 524 -40.86 -31.50 19.23
CA LYS A 524 -39.52 -31.93 19.59
C LYS A 524 -38.77 -30.85 20.36
N PHE A 525 -39.07 -29.59 20.12
CA PHE A 525 -38.50 -28.50 20.92
C PHE A 525 -39.38 -28.18 22.12
N ALA A 526 -39.83 -29.22 22.82
CA ALA A 526 -40.54 -29.06 24.09
C ALA A 526 -40.16 -30.09 25.14
N ALA A 527 -39.60 -31.25 24.76
CA ALA A 527 -39.36 -32.31 25.73
C ALA A 527 -38.36 -31.88 26.79
N ASP A 528 -37.26 -31.24 26.38
CA ASP A 528 -36.31 -30.72 27.35
C ASP A 528 -36.85 -29.51 28.09
N LEU A 529 -37.73 -28.73 27.45
CA LEU A 529 -38.29 -27.55 28.10
C LEU A 529 -39.17 -27.93 29.29
N ILE A 530 -40.08 -28.88 29.08
CA ILE A 530 -41.00 -29.26 30.14
C ILE A 530 -40.32 -30.11 31.20
N GLU A 531 -39.52 -31.10 30.77
CA GLU A 531 -38.99 -32.09 31.71
C GLU A 531 -37.97 -31.47 32.66
N ASP A 532 -37.01 -30.71 32.12
CA ASP A 532 -35.93 -30.16 32.93
C ASP A 532 -35.62 -28.76 32.44
N SER A 533 -34.47 -28.23 32.87
CA SER A 533 -34.01 -26.92 32.43
C SER A 533 -32.53 -27.00 32.08
N PRO A 534 -32.17 -27.72 31.00
CA PRO A 534 -30.77 -27.71 30.56
C PRO A 534 -30.38 -26.33 30.05
N PHE A 535 -31.16 -25.82 29.09
CA PHE A 535 -31.05 -24.43 28.64
C PHE A 535 -32.45 -23.87 28.40
N ALA A 536 -33.38 -24.18 29.30
CA ALA A 536 -34.79 -23.83 29.10
C ALA A 536 -35.05 -22.34 29.17
N ASN A 537 -34.08 -21.54 29.62
CA ASN A 537 -34.25 -20.10 29.71
C ASN A 537 -33.80 -19.38 28.44
N LEU A 538 -33.43 -20.12 27.40
CA LEU A 538 -33.01 -19.56 26.13
C LEU A 538 -34.16 -19.62 25.12
N CYS A 539 -34.45 -18.49 24.49
CA CYS A 539 -35.42 -18.48 23.42
C CYS A 539 -34.82 -19.11 22.17
N ILE A 540 -35.51 -20.07 21.59
CA ILE A 540 -35.04 -20.82 20.44
C ILE A 540 -36.09 -20.74 19.34
N HIS A 541 -35.65 -20.35 18.14
CA HIS A 541 -36.52 -20.22 16.98
C HIS A 541 -36.26 -21.36 16.02
N VAL A 542 -37.33 -21.93 15.47
CA VAL A 542 -37.25 -22.98 14.47
C VAL A 542 -37.97 -22.51 13.22
N PHE A 543 -37.38 -22.79 12.06
CA PHE A 543 -37.88 -22.32 10.78
C PHE A 543 -38.08 -23.49 9.82
N ILE A 544 -38.79 -24.51 10.30
CA ILE A 544 -39.00 -25.73 9.53
C ILE A 544 -39.62 -25.40 8.18
N TYR A 545 -39.10 -26.01 7.12
CA TYR A 545 -39.63 -25.83 5.77
C TYR A 545 -39.73 -27.16 5.05
N PRO A 546 -40.93 -27.58 4.66
CA PRO A 546 -41.10 -28.82 3.90
C PRO A 546 -41.12 -28.59 2.40
N ALA A 547 -40.46 -29.48 1.68
CA ALA A 547 -40.36 -29.41 0.23
C ALA A 547 -40.61 -30.78 -0.36
N PRO A 548 -41.08 -30.85 -1.62
CA PRO A 548 -41.20 -32.17 -2.26
C PRO A 548 -39.87 -32.91 -2.35
N SER A 549 -38.79 -32.20 -2.65
CA SER A 549 -37.47 -32.81 -2.75
C SER A 549 -36.43 -31.71 -2.69
N LEU A 550 -35.55 -31.76 -1.68
CA LEU A 550 -34.48 -30.78 -1.60
C LEU A 550 -33.38 -31.06 -2.61
N GLU A 551 -33.24 -32.33 -3.02
CA GLU A 551 -32.19 -32.69 -3.98
C GLU A 551 -32.44 -32.03 -5.34
N ARG A 552 -33.69 -32.01 -5.78
CA ARG A 552 -34.02 -31.37 -7.05
C ARG A 552 -33.75 -29.87 -6.99
N LEU A 553 -34.11 -29.24 -5.87
CA LEU A 553 -33.82 -27.81 -5.71
C LEU A 553 -32.31 -27.55 -5.70
N THR A 554 -31.55 -28.41 -5.04
CA THR A 554 -30.10 -28.25 -5.02
C THR A 554 -29.52 -28.37 -6.42
N GLN A 555 -30.00 -29.36 -7.20
CA GLN A 555 -29.54 -29.51 -8.57
C GLN A 555 -29.91 -28.31 -9.42
N LEU A 556 -31.12 -27.77 -9.21
CA LEU A 556 -31.54 -26.59 -9.96
C LEU A 556 -30.67 -25.38 -9.63
N VAL A 557 -30.33 -25.20 -8.36
CA VAL A 557 -29.47 -24.09 -7.98
C VAL A 557 -28.06 -24.28 -8.56
N ASP A 558 -27.56 -25.51 -8.56
CA ASP A 558 -26.27 -25.78 -9.17
C ASP A 558 -26.28 -25.44 -10.65
N GLU A 559 -27.36 -25.82 -11.35
CA GLU A 559 -27.46 -25.47 -12.76
C GLU A 559 -27.52 -23.95 -12.95
N LYS A 560 -28.27 -23.26 -12.10
CA LYS A 560 -28.48 -21.83 -12.29
C LYS A 560 -27.20 -21.04 -12.00
N VAL A 561 -26.45 -21.41 -10.97
CA VAL A 561 -25.23 -20.67 -10.66
C VAL A 561 -24.19 -20.86 -11.75
N ARG A 562 -24.24 -22.00 -12.46
CA ARG A 562 -23.33 -22.22 -13.59
C ARG A 562 -23.62 -21.27 -14.75
N GLU A 563 -24.82 -20.69 -14.81
CA GLU A 563 -25.16 -19.77 -15.88
C GLU A 563 -24.51 -18.40 -15.72
N VAL A 564 -24.06 -18.05 -14.52
CA VAL A 564 -23.43 -16.76 -14.28
C VAL A 564 -21.92 -16.93 -14.19
N THR B 2 -5.31 2.72 19.69
CA THR B 2 -3.86 2.55 19.75
C THR B 2 -3.44 1.72 20.95
N GLU B 3 -4.11 1.94 22.08
CA GLU B 3 -3.77 1.22 23.31
C GLU B 3 -3.95 -0.28 23.10
N ILE B 4 -5.08 -0.69 22.53
CA ILE B 4 -5.30 -2.09 22.19
C ILE B 4 -4.28 -2.55 21.15
N TYR B 5 -4.00 -1.70 20.16
CA TYR B 5 -3.01 -2.03 19.15
C TYR B 5 -1.63 -2.22 19.78
N GLU B 6 -1.24 -1.30 20.68
CA GLU B 6 0.07 -1.42 21.32
C GLU B 6 0.15 -2.68 22.18
N GLN B 7 -0.92 -2.98 22.92
CA GLN B 7 -0.92 -4.18 23.74
C GLN B 7 -0.76 -5.44 22.89
N ALA B 8 -1.53 -5.52 21.80
CA ALA B 8 -1.45 -6.70 20.94
C ALA B 8 -0.09 -6.82 20.26
N LYS B 9 0.48 -5.69 19.82
CA LYS B 9 1.77 -5.72 19.15
C LYS B 9 2.88 -6.12 20.11
N HIS B 10 2.91 -5.52 21.30
CA HIS B 10 3.97 -5.79 22.25
C HIS B 10 3.77 -7.09 23.01
N SER B 11 2.59 -7.71 22.91
CA SER B 11 2.40 -9.03 23.47
C SER B 11 2.85 -10.13 22.54
N LEU B 12 3.29 -9.78 21.33
CA LEU B 12 3.71 -10.80 20.37
C LEU B 12 4.93 -11.56 20.85
N GLN B 13 5.89 -10.86 21.44
CA GLN B 13 7.12 -11.49 21.94
C GLN B 13 7.01 -11.97 23.38
N GLY B 14 5.96 -11.58 24.10
CA GLY B 14 5.81 -12.04 25.47
C GLY B 14 5.54 -13.52 25.55
N GLU B 15 5.99 -14.12 26.66
CA GLU B 15 5.80 -15.55 26.85
C GLU B 15 4.32 -15.90 27.00
N ASP B 16 3.58 -15.12 27.78
CA ASP B 16 2.16 -15.35 28.00
C ASP B 16 1.37 -14.75 26.84
N PHE B 17 1.51 -15.39 25.68
CA PHE B 17 0.90 -14.93 24.44
C PHE B 17 -0.24 -15.86 24.06
N SER B 18 -1.44 -15.31 23.94
CA SER B 18 -2.60 -16.02 23.42
C SER B 18 -2.97 -15.38 22.08
N SER B 19 -2.98 -16.20 21.03
CA SER B 19 -3.26 -15.67 19.70
C SER B 19 -4.72 -15.21 19.57
N PHE B 20 -5.61 -15.79 20.37
CA PHE B 20 -7.02 -15.39 20.28
C PHE B 20 -7.22 -13.95 20.73
N ASN B 21 -6.54 -13.52 21.79
CA ASN B 21 -6.62 -12.12 22.20
C ASN B 21 -6.01 -11.22 21.14
N TYR B 22 -4.95 -11.69 20.47
CA TYR B 22 -4.36 -10.94 19.38
C TYR B 22 -5.36 -10.74 18.25
N LEU B 23 -6.09 -11.80 17.88
CA LEU B 23 -7.06 -11.69 16.80
C LEU B 23 -8.29 -10.89 17.23
N PHE B 24 -8.64 -10.95 18.51
CA PHE B 24 -9.69 -10.08 19.03
C PHE B 24 -9.30 -8.62 18.88
N ALA B 25 -8.05 -8.29 19.22
CA ALA B 25 -7.56 -6.93 19.03
C ALA B 25 -7.56 -6.56 17.56
N VAL B 26 -7.18 -7.50 16.69
CA VAL B 26 -7.17 -7.25 15.25
C VAL B 26 -8.56 -6.91 14.76
N ASN B 27 -9.55 -7.70 15.16
CA ASN B 27 -10.93 -7.45 14.74
C ASN B 27 -11.45 -6.13 15.31
N LYS B 28 -11.14 -5.84 16.56
CA LYS B 28 -11.56 -4.57 17.16
C LYS B 28 -10.94 -3.39 16.41
N LEU B 29 -9.70 -3.54 15.94
CA LEU B 29 -9.06 -2.49 15.17
C LEU B 29 -9.63 -2.39 13.77
N LEU B 30 -10.07 -3.51 13.20
CA LEU B 30 -10.66 -3.52 11.87
C LEU B 30 -12.12 -3.08 11.87
N SER B 31 -12.76 -3.01 13.03
CA SER B 31 -14.11 -2.47 13.08
C SER B 31 -14.12 -0.95 12.94
N ASN B 32 -13.21 -0.28 13.62
CA ASN B 32 -13.14 1.19 13.58
C ASN B 32 -12.41 1.63 12.32
N PRO B 33 -13.01 2.48 11.48
CA PRO B 33 -12.30 2.92 10.27
C PRO B 33 -10.96 3.57 10.54
N VAL B 34 -10.88 4.43 11.55
CA VAL B 34 -9.65 5.16 11.82
C VAL B 34 -8.50 4.22 12.18
N SER B 35 -8.81 3.04 12.70
CA SER B 35 -7.81 2.05 13.05
C SER B 35 -7.68 0.95 12.02
N TYR B 36 -8.35 1.07 10.86
CA TYR B 36 -8.27 0.08 9.80
C TYR B 36 -6.84 -0.36 9.57
N ASP B 37 -6.00 0.59 9.15
CA ASP B 37 -4.60 0.29 8.87
C ASP B 37 -3.94 -0.43 10.04
N LEU B 38 -4.18 0.05 11.26
CA LEU B 38 -3.58 -0.57 12.44
C LEU B 38 -3.88 -2.06 12.45
N GLY B 39 -5.16 -2.42 12.32
CA GLY B 39 -5.50 -3.83 12.30
C GLY B 39 -4.78 -4.56 11.18
N ARG B 40 -4.76 -3.96 10.00
CA ARG B 40 -4.02 -4.53 8.88
C ARG B 40 -2.58 -4.79 9.27
N ASP B 41 -1.94 -3.81 9.90
CA ASP B 41 -0.56 -3.98 10.36
C ASP B 41 -0.44 -5.24 11.21
N LEU B 42 -1.33 -5.39 12.19
CA LEU B 42 -1.26 -6.56 13.05
C LEU B 42 -1.38 -7.84 12.24
N ILE B 43 -2.30 -7.85 11.27
CA ILE B 43 -2.47 -9.04 10.44
C ILE B 43 -1.16 -9.40 9.76
N VAL B 44 -0.43 -8.38 9.28
CA VAL B 44 0.85 -8.64 8.63
C VAL B 44 1.77 -9.39 9.57
N ARG B 45 1.83 -8.96 10.83
CA ARG B 45 2.64 -9.68 11.81
C ARG B 45 2.15 -11.10 11.99
N ALA B 46 0.83 -11.28 12.04
CA ALA B 46 0.28 -12.62 12.15
C ALA B 46 0.60 -13.46 10.93
N LEU B 47 0.88 -12.85 9.79
CA LEU B 47 1.26 -13.60 8.60
C LEU B 47 2.74 -13.97 8.63
N ASP B 48 3.54 -13.32 9.47
CA ASP B 48 4.96 -13.63 9.58
C ASP B 48 5.27 -14.57 10.75
N SER B 49 4.27 -14.93 11.54
CA SER B 49 4.42 -15.79 12.70
C SER B 49 3.34 -16.86 12.71
N ARG B 50 3.16 -17.51 11.56
CA ARG B 50 2.05 -18.47 11.40
C ARG B 50 2.18 -19.66 12.34
N GLU B 51 3.35 -19.89 12.92
CA GLU B 51 3.48 -20.97 13.90
C GLU B 51 2.64 -20.69 15.14
N ARG B 52 2.57 -19.42 15.56
CA ARG B 52 1.77 -19.06 16.71
C ARG B 52 0.27 -19.10 16.43
N PHE B 53 -0.13 -19.00 15.16
CA PHE B 53 -1.53 -19.00 14.76
C PHE B 53 -1.92 -20.29 14.04
N SER B 54 -1.23 -21.39 14.36
CA SER B 54 -1.56 -22.67 13.75
C SER B 54 -2.93 -23.18 14.19
N GLU B 55 -3.42 -22.71 15.33
CA GLU B 55 -4.71 -23.16 15.85
C GLU B 55 -5.86 -22.30 15.34
N HIS B 56 -5.71 -20.98 15.40
CA HIS B 56 -6.74 -20.05 14.94
C HIS B 56 -6.39 -19.58 13.53
N THR B 57 -6.62 -20.46 12.56
CA THR B 57 -6.30 -20.18 11.17
C THR B 57 -7.46 -19.52 10.43
N THR B 58 -8.69 -20.00 10.64
CA THR B 58 -9.84 -19.42 9.94
C THR B 58 -10.10 -18.00 10.41
N ILE B 59 -9.87 -17.71 11.69
CA ILE B 59 -10.03 -16.35 12.19
C ILE B 59 -9.03 -15.42 11.51
N LEU B 60 -7.78 -15.87 11.38
CA LEU B 60 -6.78 -15.06 10.71
C LEU B 60 -7.14 -14.87 9.23
N LYS B 61 -7.64 -15.92 8.59
CA LYS B 61 -8.02 -15.81 7.18
C LYS B 61 -9.17 -14.82 6.99
N ASN B 62 -10.16 -14.87 7.87
CA ASN B 62 -11.27 -13.92 7.80
C ASN B 62 -10.80 -12.50 8.06
N MET B 63 -9.87 -12.32 9.01
CA MET B 63 -9.31 -11.00 9.24
C MET B 63 -8.55 -10.51 8.01
N VAL B 64 -7.82 -11.41 7.35
CA VAL B 64 -7.10 -11.05 6.13
C VAL B 64 -8.07 -10.59 5.05
N ARG B 65 -9.17 -11.31 4.88
CA ARG B 65 -10.19 -10.90 3.91
C ARG B 65 -10.80 -9.55 4.29
N LYS B 66 -11.08 -9.35 5.57
CA LYS B 66 -11.73 -8.13 6.03
C LYS B 66 -10.81 -6.92 5.85
N SER B 67 -9.51 -7.10 6.05
CA SER B 67 -8.57 -5.99 5.95
C SER B 67 -8.31 -5.56 4.51
N GLY B 68 -8.70 -6.36 3.53
CA GLY B 68 -8.46 -6.02 2.14
C GLY B 68 -7.17 -6.54 1.56
N LEU B 69 -6.48 -7.45 2.26
CA LEU B 69 -5.23 -8.03 1.75
C LEU B 69 -5.56 -9.32 1.02
N PHE B 70 -6.00 -9.16 -0.23
CA PHE B 70 -6.47 -10.28 -1.04
C PHE B 70 -5.33 -11.10 -1.64
N PRO B 71 -4.25 -10.49 -2.15
CA PRO B 71 -3.10 -11.33 -2.57
C PRO B 71 -2.56 -12.21 -1.46
N TYR B 72 -2.50 -11.68 -0.23
CA TYR B 72 -2.08 -12.49 0.90
C TYR B 72 -3.10 -13.60 1.18
N LEU B 73 -4.39 -13.29 1.04
CA LEU B 73 -5.41 -14.31 1.21
C LEU B 73 -5.25 -15.43 0.19
N LYS B 74 -4.86 -15.09 -1.04
CA LYS B 74 -4.72 -16.10 -2.08
C LYS B 74 -3.45 -16.93 -1.88
N LYS B 75 -2.34 -16.29 -1.53
CA LYS B 75 -1.06 -16.99 -1.54
C LYS B 75 -0.69 -17.63 -0.21
N GLU B 76 -1.10 -17.04 0.92
CA GLU B 76 -0.71 -17.55 2.23
C GLU B 76 -1.67 -18.59 2.78
N PHE B 77 -2.80 -18.81 2.14
CA PHE B 77 -3.83 -19.72 2.64
C PHE B 77 -4.22 -20.70 1.55
N THR B 78 -4.38 -21.97 1.93
CA THR B 78 -4.70 -23.03 0.99
C THR B 78 -6.19 -23.37 1.01
N SER B 79 -6.72 -23.72 2.17
CA SER B 79 -8.14 -24.08 2.30
C SER B 79 -8.98 -22.82 2.20
N LEU B 80 -9.59 -22.61 1.04
CA LEU B 80 -10.38 -21.42 0.76
C LEU B 80 -11.83 -21.79 0.52
N THR B 81 -12.73 -21.07 1.18
CA THR B 81 -14.16 -21.28 1.06
C THR B 81 -14.68 -20.69 -0.26
N PRO B 82 -15.90 -21.04 -0.66
CA PRO B 82 -16.48 -20.36 -1.83
C PRO B 82 -16.58 -18.85 -1.66
N ASP B 83 -16.73 -18.36 -0.42
CA ASP B 83 -16.85 -16.92 -0.19
C ASP B 83 -15.58 -16.19 -0.61
N ASP B 84 -14.45 -16.57 -0.02
CA ASP B 84 -13.19 -15.90 -0.35
C ASP B 84 -12.72 -16.22 -1.76
N LEU B 85 -13.06 -17.40 -2.29
CA LEU B 85 -12.78 -17.67 -3.69
C LEU B 85 -13.54 -16.71 -4.60
N ARG B 86 -14.81 -16.47 -4.30
CA ARG B 86 -15.60 -15.55 -5.11
C ARG B 86 -15.08 -14.13 -5.01
N VAL B 87 -14.71 -13.69 -3.80
CA VAL B 87 -14.22 -12.30 -3.70
C VAL B 87 -12.85 -12.18 -4.35
N LEU B 88 -12.06 -13.26 -4.37
CA LEU B 88 -10.81 -13.23 -5.13
C LEU B 88 -11.08 -13.14 -6.62
N GLU B 89 -12.11 -13.86 -7.11
CA GLU B 89 -12.49 -13.74 -8.50
C GLU B 89 -13.01 -12.34 -8.83
N LEU B 90 -13.59 -11.65 -7.83
CA LEU B 90 -14.00 -10.27 -8.02
C LEU B 90 -12.79 -9.38 -8.35
N TYR B 91 -11.74 -9.47 -7.54
CA TYR B 91 -10.58 -8.62 -7.67
C TYR B 91 -9.51 -9.23 -8.58
N ARG B 92 -9.79 -10.37 -9.20
CA ARG B 92 -8.84 -10.99 -10.11
C ARG B 92 -8.48 -10.03 -11.23
N THR B 93 -7.19 -9.91 -11.50
CA THR B 93 -6.71 -8.99 -12.50
C THR B 93 -7.11 -9.45 -13.90
N PRO B 94 -7.38 -8.53 -14.82
CA PRO B 94 -7.83 -8.93 -16.17
C PRO B 94 -6.76 -9.60 -17.00
N PHE B 95 -5.48 -9.42 -16.70
CA PHE B 95 -4.43 -9.95 -17.56
C PHE B 95 -4.05 -11.40 -17.24
N SER B 96 -4.23 -11.83 -16.00
CA SER B 96 -3.88 -13.19 -15.61
C SER B 96 -4.85 -13.68 -14.54
N ASP B 97 -5.01 -15.00 -14.47
CA ASP B 97 -5.91 -15.63 -13.51
C ASP B 97 -5.25 -15.97 -12.20
N GLY B 98 -3.94 -15.73 -12.07
CA GLY B 98 -3.22 -16.01 -10.84
C GLY B 98 -2.94 -14.82 -9.97
N TYR B 99 -3.24 -13.61 -10.43
CA TYR B 99 -2.98 -12.39 -9.69
C TYR B 99 -4.30 -11.72 -9.34
N VAL B 100 -4.41 -11.27 -8.09
CA VAL B 100 -5.60 -10.55 -7.65
C VAL B 100 -5.21 -9.14 -7.23
N PHE B 101 -6.19 -8.35 -6.80
CA PHE B 101 -6.01 -6.95 -6.49
C PHE B 101 -6.11 -6.71 -4.99
N HIS B 102 -5.29 -5.81 -4.48
CA HIS B 102 -5.60 -5.20 -3.20
C HIS B 102 -6.82 -4.29 -3.37
N SER B 103 -7.48 -3.99 -2.25
CA SER B 103 -8.66 -3.14 -2.31
C SER B 103 -8.32 -1.78 -2.89
N MET B 104 -7.25 -1.16 -2.38
CA MET B 104 -6.88 0.17 -2.84
C MET B 104 -6.40 0.13 -4.30
N GLN B 105 -5.66 -0.92 -4.65
CA GLN B 105 -5.24 -1.12 -6.03
C GLN B 105 -6.45 -1.28 -6.95
N PHE B 106 -7.47 -2.01 -6.50
CA PHE B 106 -8.68 -2.16 -7.31
C PHE B 106 -9.36 -0.82 -7.51
N HIS B 107 -9.43 0.00 -6.45
CA HIS B 107 -10.05 1.31 -6.61
C HIS B 107 -9.29 2.16 -7.61
N ILE B 108 -7.96 2.17 -7.53
CA ILE B 108 -7.17 2.97 -8.45
C ILE B 108 -7.30 2.44 -9.88
N PHE B 109 -7.34 1.12 -10.04
CA PHE B 109 -7.51 0.55 -11.37
C PHE B 109 -8.86 0.90 -11.95
N ASP B 110 -9.91 0.88 -11.12
CA ASP B 110 -11.22 1.29 -11.60
C ASP B 110 -11.22 2.75 -12.02
N LEU B 111 -10.52 3.60 -11.27
CA LEU B 111 -10.41 4.99 -11.66
C LEU B 111 -9.69 5.14 -13.00
N LEU B 112 -8.63 4.35 -13.20
CA LEU B 112 -7.83 4.50 -14.42
C LEU B 112 -8.54 3.95 -15.64
N LYS B 113 -9.17 2.78 -15.51
CA LYS B 113 -9.83 2.14 -16.64
C LYS B 113 -11.08 2.87 -17.10
N SER B 114 -11.57 3.82 -16.32
CA SER B 114 -12.69 4.66 -16.72
C SER B 114 -12.27 5.86 -17.54
N GLY B 115 -10.97 6.08 -17.72
CA GLY B 115 -10.47 7.16 -18.53
C GLY B 115 -10.05 8.40 -17.77
N GLN B 116 -10.01 8.35 -16.45
CA GLN B 116 -9.67 9.50 -15.63
C GLN B 116 -8.19 9.46 -15.27
N ASN B 117 -7.54 10.62 -15.35
CA ASN B 117 -6.16 10.74 -14.90
C ASN B 117 -6.10 10.58 -13.39
N VAL B 118 -5.13 9.80 -12.91
CA VAL B 118 -5.03 9.43 -11.51
C VAL B 118 -3.65 9.81 -11.00
N VAL B 119 -3.60 10.45 -9.84
CA VAL B 119 -2.36 10.77 -9.15
C VAL B 119 -2.41 10.16 -7.76
N LEU B 120 -1.39 9.39 -7.42
CA LEU B 120 -1.34 8.73 -6.11
C LEU B 120 -0.63 9.63 -5.10
N SER B 121 -1.02 9.48 -3.83
CA SER B 121 -0.53 10.33 -2.76
C SER B 121 0.82 9.88 -2.19
N ALA B 122 1.28 8.68 -2.52
CA ALA B 122 2.56 8.20 -2.02
C ALA B 122 2.94 6.91 -2.74
N PRO B 123 4.23 6.72 -3.06
CA PRO B 123 4.67 5.39 -3.48
C PRO B 123 4.46 4.40 -2.35
N THR B 124 3.51 3.48 -2.51
CA THR B 124 3.00 2.68 -1.41
C THR B 124 3.60 1.28 -1.44
N SER B 125 3.45 0.58 -0.32
CA SER B 125 3.98 -0.78 -0.20
C SER B 125 3.39 -1.72 -1.24
N MET B 126 2.21 -1.40 -1.77
CA MET B 126 1.64 -2.20 -2.85
C MET B 126 2.43 -1.98 -4.14
N GLY B 127 2.76 -3.06 -4.82
CA GLY B 127 3.46 -2.95 -6.09
C GLY B 127 2.51 -2.55 -7.20
N LYS B 128 2.74 -1.37 -7.78
CA LYS B 128 1.84 -0.88 -8.83
C LYS B 128 2.02 -1.61 -10.15
N SER B 129 2.90 -2.62 -10.21
CA SER B 129 3.05 -3.40 -11.43
C SER B 129 1.75 -4.12 -11.79
N ALA B 130 0.95 -4.49 -10.79
CA ALA B 130 -0.34 -5.12 -11.07
C ALA B 130 -1.26 -4.18 -11.82
N ILE B 131 -1.27 -2.90 -11.45
CA ILE B 131 -2.13 -1.93 -12.13
C ILE B 131 -1.71 -1.75 -13.58
N VAL B 132 -0.41 -1.65 -13.83
CA VAL B 132 0.09 -1.48 -15.20
C VAL B 132 -0.21 -2.72 -16.03
N ASP B 133 0.01 -3.90 -15.45
CA ASP B 133 -0.29 -5.14 -16.18
C ASP B 133 -1.78 -5.25 -16.49
N SER B 134 -2.64 -4.82 -15.56
CA SER B 134 -4.07 -4.83 -15.80
C SER B 134 -4.46 -3.85 -16.89
N LEU B 135 -3.85 -2.66 -16.89
CA LEU B 135 -4.11 -1.69 -17.94
C LEU B 135 -3.69 -2.23 -19.30
N LEU B 136 -2.61 -3.01 -19.33
CA LEU B 136 -2.19 -3.62 -20.59
C LEU B 136 -3.12 -4.76 -20.99
N GLY B 137 -3.64 -5.49 -20.02
CA GLY B 137 -4.40 -6.71 -20.30
C GLY B 137 -5.86 -6.53 -20.64
N MET B 138 -6.40 -5.31 -20.51
CA MET B 138 -7.81 -5.10 -20.82
C MET B 138 -8.08 -4.87 -22.31
N GLY B 139 -7.03 -4.79 -23.13
CA GLY B 139 -7.21 -4.69 -24.57
C GLY B 139 -7.95 -3.46 -25.03
N THR B 140 -7.75 -2.32 -24.35
CA THR B 140 -8.35 -1.05 -24.75
C THR B 140 -7.33 -0.03 -25.22
N LEU B 141 -6.14 -0.02 -24.63
CA LEU B 141 -5.10 0.93 -25.00
C LEU B 141 -4.23 0.35 -26.10
N LYS B 142 -3.62 1.24 -26.87
CA LYS B 142 -2.74 0.84 -27.97
C LYS B 142 -1.29 1.24 -27.72
N ARG B 143 -1.02 2.52 -27.48
CA ARG B 143 0.33 3.01 -27.30
C ARG B 143 0.50 3.54 -25.88
N LEU B 144 1.54 3.06 -25.19
CA LEU B 144 1.81 3.43 -23.81
C LEU B 144 3.26 3.87 -23.69
N VAL B 145 3.55 4.61 -22.61
CA VAL B 145 4.89 5.06 -22.30
C VAL B 145 5.10 4.87 -20.80
N LEU B 146 5.83 3.82 -20.43
CA LEU B 146 6.22 3.60 -19.04
C LEU B 146 7.57 4.26 -18.82
N VAL B 147 7.62 5.23 -17.90
CA VAL B 147 8.83 5.97 -17.59
C VAL B 147 9.44 5.38 -16.33
N VAL B 148 10.71 5.00 -16.40
CA VAL B 148 11.41 4.37 -15.28
C VAL B 148 12.70 5.14 -15.02
N PRO B 149 13.22 5.15 -13.79
CA PRO B 149 14.38 6.00 -13.50
C PRO B 149 15.71 5.43 -13.98
N THR B 150 15.87 4.11 -13.95
CA THR B 150 17.13 3.47 -14.28
C THR B 150 16.97 2.52 -15.45
N VAL B 151 18.06 2.36 -16.22
CA VAL B 151 18.03 1.48 -17.38
C VAL B 151 17.85 0.02 -16.96
N ALA B 152 18.42 -0.36 -15.83
CA ALA B 152 18.24 -1.73 -15.33
C ALA B 152 16.78 -1.98 -14.98
N LEU B 153 16.11 -1.00 -14.39
CA LEU B 153 14.67 -1.12 -14.14
C LEU B 153 13.90 -1.21 -15.45
N ALA B 154 14.35 -0.46 -16.47
CA ALA B 154 13.73 -0.56 -17.79
C ALA B 154 13.85 -1.97 -18.35
N ASP B 155 15.02 -2.59 -18.21
CA ASP B 155 15.21 -3.95 -18.68
C ASP B 155 14.35 -4.94 -17.90
N GLU B 156 14.26 -4.76 -16.58
CA GLU B 156 13.43 -5.65 -15.77
C GLU B 156 11.97 -5.55 -16.18
N THR B 157 11.46 -4.33 -16.36
CA THR B 157 10.08 -4.16 -16.81
C THR B 157 9.88 -4.68 -18.22
N ARG B 158 10.88 -4.54 -19.09
CA ARG B 158 10.77 -5.09 -20.43
C ARG B 158 10.66 -6.60 -20.40
N ARG B 159 11.46 -7.27 -19.56
CA ARG B 159 11.32 -8.71 -19.41
C ARG B 159 9.95 -9.08 -18.86
N ARG B 160 9.47 -8.32 -17.87
CA ARG B 160 8.17 -8.60 -17.28
C ARG B 160 7.05 -8.48 -18.31
N LEU B 161 7.11 -7.45 -19.15
CA LEU B 161 6.09 -7.22 -20.18
C LEU B 161 6.35 -8.02 -21.45
N GLN B 162 7.47 -8.73 -21.54
CA GLN B 162 7.66 -9.68 -22.63
C GLN B 162 7.22 -11.09 -22.25
N GLU B 163 7.32 -11.45 -20.97
CA GLU B 163 6.83 -12.75 -20.53
C GLU B 163 5.32 -12.85 -20.76
N ARG B 164 4.57 -11.87 -20.28
CA ARG B 164 3.16 -11.73 -20.58
C ARG B 164 2.99 -10.70 -21.70
N PHE B 165 1.86 -10.79 -22.41
CA PHE B 165 1.60 -9.95 -23.58
C PHE B 165 2.76 -10.05 -24.58
N GLY B 166 3.22 -11.29 -24.80
CA GLY B 166 4.39 -11.48 -25.63
C GLY B 166 4.19 -11.03 -27.07
N ASP B 167 3.03 -11.35 -27.65
CA ASP B 167 2.77 -11.04 -29.05
C ASP B 167 1.80 -9.88 -29.23
N ARG B 168 0.94 -9.62 -28.24
CA ARG B 168 -0.05 -8.56 -28.40
C ARG B 168 0.61 -7.18 -28.51
N TYR B 169 1.62 -6.92 -27.70
CA TYR B 169 2.28 -5.62 -27.65
C TYR B 169 3.72 -5.74 -28.11
N GLN B 170 4.19 -4.72 -28.81
CA GLN B 170 5.58 -4.62 -29.24
C GLN B 170 6.28 -3.60 -28.36
N ILE B 171 7.30 -4.02 -27.65
CA ILE B 171 7.94 -3.20 -26.62
C ILE B 171 9.16 -2.51 -27.20
N ILE B 172 9.19 -1.19 -27.09
CA ILE B 172 10.30 -0.37 -27.56
C ILE B 172 11.05 0.14 -26.33
N HIS B 173 12.30 -0.30 -26.18
CA HIS B 173 13.13 0.15 -25.08
C HIS B 173 14.44 0.80 -25.54
N HIS B 174 14.87 0.57 -26.77
CA HIS B 174 16.12 1.11 -27.29
C HIS B 174 15.83 1.98 -28.51
N SER B 175 16.71 2.96 -28.74
CA SER B 175 16.52 3.88 -29.85
C SER B 175 16.62 3.19 -31.20
N SER B 176 17.27 2.03 -31.27
CA SER B 176 17.39 1.32 -32.54
C SER B 176 16.06 0.72 -32.98
N GLN B 177 15.17 0.42 -32.04
CA GLN B 177 13.88 -0.16 -32.39
C GLN B 177 12.98 0.87 -33.06
N VAL B 178 12.03 0.37 -33.85
CA VAL B 178 11.05 1.20 -34.54
C VAL B 178 9.67 0.62 -34.29
N CYS B 179 8.66 1.47 -34.43
CA CYS B 179 7.27 1.08 -34.17
C CYS B 179 6.68 0.51 -35.45
N HIS B 180 6.60 -0.82 -35.52
CA HIS B 180 6.04 -1.51 -36.67
C HIS B 180 4.69 -2.14 -36.36
N SER B 181 4.10 -1.85 -35.20
CA SER B 181 2.82 -2.41 -34.81
C SER B 181 1.94 -1.30 -34.25
N ASP B 182 0.63 -1.51 -34.34
CA ASP B 182 -0.31 -0.53 -33.79
C ASP B 182 -0.18 -0.44 -32.27
N GLN B 183 -0.02 -1.58 -31.60
CA GLN B 183 0.13 -1.61 -30.15
C GLN B 183 1.61 -1.59 -29.81
N ALA B 184 2.03 -0.59 -29.04
CA ALA B 184 3.43 -0.43 -28.68
C ALA B 184 3.55 0.08 -27.25
N VAL B 185 4.44 -0.54 -26.47
CA VAL B 185 4.74 -0.11 -25.11
C VAL B 185 6.14 0.48 -25.12
N TYR B 186 6.25 1.74 -24.72
CA TYR B 186 7.53 2.46 -24.74
C TYR B 186 8.09 2.47 -23.31
N VAL B 187 8.80 1.42 -22.96
CA VAL B 187 9.44 1.34 -21.65
C VAL B 187 10.77 2.06 -21.72
N LEU B 188 10.75 3.37 -21.44
CA LEU B 188 11.92 4.22 -21.57
C LEU B 188 12.17 4.97 -20.28
N THR B 189 13.33 5.62 -20.20
CA THR B 189 13.65 6.53 -19.12
C THR B 189 13.35 7.96 -19.57
N GLN B 190 13.69 8.92 -18.71
CA GLN B 190 13.47 10.32 -19.06
C GLN B 190 14.31 10.71 -20.28
N GLU B 191 15.60 10.38 -20.25
CA GLU B 191 16.47 10.70 -21.37
C GLU B 191 16.04 9.98 -22.64
N ARG B 192 15.69 8.71 -22.53
CA ARG B 192 15.23 7.96 -23.69
C ARG B 192 13.95 8.55 -24.25
N VAL B 193 13.02 8.94 -23.38
CA VAL B 193 11.79 9.58 -23.84
C VAL B 193 12.10 10.88 -24.57
N ASN B 194 13.06 11.65 -24.06
CA ASN B 194 13.46 12.87 -24.74
C ASN B 194 14.05 12.58 -26.12
N GLU B 195 14.90 11.55 -26.22
CA GLU B 195 15.53 11.24 -27.50
C GLU B 195 14.54 10.73 -28.53
N ARG B 196 13.62 9.86 -28.12
CA ARG B 196 12.68 9.25 -29.06
C ARG B 196 11.84 10.32 -29.73
N ASP B 197 11.75 10.26 -31.07
CA ASP B 197 11.01 11.22 -31.86
C ASP B 197 9.70 10.66 -32.39
N ASP B 198 9.31 9.46 -31.98
CA ASP B 198 8.05 8.85 -32.42
C ASP B 198 7.04 8.77 -31.29
N ILE B 199 7.19 9.58 -30.24
CA ILE B 199 6.24 9.58 -29.13
C ILE B 199 5.06 10.43 -29.55
N VAL B 200 4.04 9.79 -30.12
CA VAL B 200 2.84 10.46 -30.58
C VAL B 200 1.65 9.53 -30.37
N ASP B 201 0.46 10.12 -30.24
CA ASP B 201 -0.79 9.37 -30.11
C ASP B 201 -0.74 8.41 -28.92
N ILE B 202 -0.07 8.84 -27.85
CA ILE B 202 0.04 8.01 -26.66
C ILE B 202 -1.30 7.98 -25.94
N ASP B 203 -1.71 6.79 -25.49
CA ASP B 203 -2.99 6.64 -24.80
C ASP B 203 -2.86 6.90 -23.31
N LEU B 204 -1.80 6.41 -22.67
CA LEU B 204 -1.59 6.58 -21.24
C LEU B 204 -0.13 6.35 -20.92
N PHE B 205 0.50 7.31 -20.25
CA PHE B 205 1.88 7.18 -19.80
C PHE B 205 1.90 7.11 -18.29
N VAL B 206 2.63 6.13 -17.75
CA VAL B 206 2.73 5.88 -16.32
C VAL B 206 4.12 6.28 -15.86
N ILE B 207 4.19 7.14 -14.85
CA ILE B 207 5.45 7.61 -14.29
C ILE B 207 5.48 7.27 -12.81
N ASP B 208 6.55 6.62 -12.38
CA ASP B 208 6.82 6.38 -10.96
C ASP B 208 8.12 7.06 -10.58
N GLU B 209 8.34 7.19 -9.27
CA GLU B 209 9.49 7.90 -8.72
C GLU B 209 9.51 9.34 -9.24
N PHE B 210 8.48 10.09 -8.86
CA PHE B 210 8.32 11.47 -9.27
C PHE B 210 8.99 12.45 -8.30
N TYR B 211 9.69 11.95 -7.28
CA TYR B 211 10.29 12.82 -6.27
C TYR B 211 11.29 13.80 -6.85
N LYS B 212 11.83 13.51 -8.04
CA LYS B 212 12.78 14.44 -8.66
C LYS B 212 12.12 15.78 -8.97
N LEU B 213 10.81 15.80 -9.19
CA LEU B 213 10.09 17.04 -9.45
C LEU B 213 9.46 17.64 -8.20
N ALA B 214 9.71 17.06 -7.04
CA ALA B 214 9.17 17.59 -5.79
C ALA B 214 10.25 18.34 -5.01
N ASP B 227 21.64 18.74 -12.07
CA ASP B 227 20.77 17.79 -11.38
C ASP B 227 20.68 16.48 -12.16
N GLU B 228 20.61 16.59 -13.49
CA GLU B 228 20.62 15.49 -14.45
C GLU B 228 19.38 14.61 -14.36
N ARG B 229 18.45 14.87 -13.45
CA ARG B 229 17.24 14.07 -13.32
C ARG B 229 15.98 14.88 -13.13
N VAL B 230 16.06 16.18 -12.90
CA VAL B 230 14.88 17.02 -12.70
C VAL B 230 14.43 17.66 -14.01
N ILE B 231 15.37 18.28 -14.73
CA ILE B 231 15.03 18.92 -16.00
C ILE B 231 14.57 17.88 -17.01
N GLU B 232 15.25 16.74 -17.07
CA GLU B 232 14.87 15.69 -18.01
C GLU B 232 13.47 15.16 -17.70
N LEU B 233 13.18 14.92 -16.42
CA LEU B 233 11.85 14.42 -16.06
C LEU B 233 10.77 15.46 -16.32
N ASN B 234 11.07 16.73 -16.06
CA ASN B 234 10.10 17.78 -16.35
C ASN B 234 9.81 17.87 -17.85
N ILE B 235 10.85 17.80 -18.67
CA ILE B 235 10.66 17.84 -20.12
C ILE B 235 9.86 16.63 -20.59
N ALA B 236 10.17 15.45 -20.04
CA ALA B 236 9.42 14.25 -20.39
C ALA B 236 7.96 14.38 -20.00
N LEU B 237 7.69 14.94 -18.82
CA LEU B 237 6.31 15.17 -18.41
C LEU B 237 5.60 16.11 -19.37
N SER B 238 6.26 17.21 -19.74
CA SER B 238 5.64 18.15 -20.66
C SER B 238 5.32 17.51 -22.00
N LYS B 239 6.28 16.74 -22.53
CA LYS B 239 6.06 16.09 -23.82
C LYS B 239 4.92 15.07 -23.75
N LEU B 240 4.91 14.24 -22.70
CA LEU B 240 3.89 13.21 -22.60
C LEU B 240 2.52 13.80 -22.28
N LEU B 241 2.48 14.96 -21.62
CA LEU B 241 1.21 15.62 -21.36
C LEU B 241 0.65 16.24 -22.64
N LYS B 242 1.51 16.92 -23.41
CA LYS B 242 1.06 17.52 -24.65
C LYS B 242 0.77 16.48 -25.73
N VAL B 243 1.30 15.27 -25.58
CA VAL B 243 1.13 14.22 -26.59
C VAL B 243 0.00 13.26 -26.23
N SER B 244 -0.04 12.80 -24.99
CA SER B 244 -0.99 11.76 -24.60
C SER B 244 -2.31 12.38 -24.16
N ARG B 245 -3.18 11.55 -23.60
CA ARG B 245 -4.48 11.99 -23.11
C ARG B 245 -4.77 11.59 -21.66
N GLN B 246 -4.11 10.56 -21.14
CA GLN B 246 -4.34 10.08 -19.79
C GLN B 246 -3.00 9.82 -19.13
N PHE B 247 -2.90 10.08 -17.83
CA PHE B 247 -1.67 9.83 -17.09
C PHE B 247 -1.98 9.17 -15.76
N TYR B 248 -0.95 8.52 -15.20
CA TYR B 248 -1.04 7.84 -13.91
C TYR B 248 0.28 8.05 -13.19
N LEU B 249 0.32 9.04 -12.31
CA LEU B 249 1.52 9.35 -11.53
C LEU B 249 1.43 8.67 -10.17
N THR B 250 2.54 8.07 -9.74
CA THR B 250 2.60 7.32 -8.50
C THR B 250 3.86 7.73 -7.72
N GLY B 251 4.02 9.03 -7.52
CA GLY B 251 5.17 9.54 -6.81
C GLY B 251 4.89 10.86 -6.15
N PRO B 252 5.92 11.44 -5.49
CA PRO B 252 5.74 12.70 -4.76
C PRO B 252 5.33 13.87 -5.64
N PHE B 253 5.25 15.08 -5.04
CA PHE B 253 4.38 16.16 -5.50
C PHE B 253 2.92 15.80 -5.21
N VAL B 254 2.67 15.39 -3.98
CA VAL B 254 1.40 14.80 -3.59
C VAL B 254 0.58 15.68 -2.65
N ASN B 255 1.20 16.66 -1.99
CA ASN B 255 0.52 17.41 -0.94
C ASN B 255 -0.53 18.32 -1.59
N SER B 256 -1.65 17.69 -1.97
CA SER B 256 -2.73 18.34 -2.72
C SER B 256 -2.19 18.93 -4.02
N ILE B 257 -1.77 18.01 -4.90
CA ILE B 257 -1.08 18.38 -6.13
C ILE B 257 -1.93 19.37 -6.92
N ARG B 258 -1.32 20.48 -7.30
CA ARG B 258 -1.97 21.51 -8.08
C ARG B 258 -0.99 22.03 -9.13
N GLY B 259 -1.55 22.58 -10.20
CA GLY B 259 -0.73 23.02 -11.32
C GLY B 259 -1.08 22.24 -12.58
N LEU B 260 -1.28 20.93 -12.43
CA LEU B 260 -1.78 20.15 -13.54
C LEU B 260 -3.26 20.41 -13.80
N GLU B 261 -3.98 20.90 -12.80
CA GLU B 261 -5.39 21.23 -13.00
C GLU B 261 -5.55 22.50 -13.84
N LYS B 262 -4.73 23.51 -13.58
CA LYS B 262 -4.79 24.75 -14.34
C LYS B 262 -4.19 24.63 -15.72
N LEU B 263 -3.47 23.54 -16.01
CA LEU B 263 -2.94 23.29 -17.35
C LEU B 263 -3.91 22.53 -18.23
N GLY B 264 -5.13 22.28 -17.77
CA GLY B 264 -6.11 21.56 -18.55
C GLY B 264 -6.12 20.06 -18.39
N TYR B 265 -5.52 19.55 -17.32
CA TYR B 265 -5.45 18.11 -17.05
C TYR B 265 -6.10 17.83 -15.71
N PRO B 266 -7.41 17.65 -15.68
CA PRO B 266 -8.09 17.35 -14.41
C PRO B 266 -7.85 15.92 -13.96
N HIS B 267 -7.03 15.73 -12.93
CA HIS B 267 -6.74 14.40 -12.43
C HIS B 267 -7.74 14.02 -11.35
N THR B 268 -7.49 12.92 -10.67
CA THR B 268 -8.36 12.36 -9.64
C THR B 268 -7.52 11.97 -8.43
N PHE B 269 -6.71 12.91 -7.95
CA PHE B 269 -5.73 12.67 -6.89
C PHE B 269 -6.27 11.77 -5.79
N VAL B 270 -5.54 10.69 -5.52
CA VAL B 270 -5.97 9.64 -4.61
C VAL B 270 -5.11 9.68 -3.37
N SER B 271 -5.76 9.78 -2.21
CA SER B 271 -5.09 9.68 -0.91
C SER B 271 -5.43 8.34 -0.30
N THR B 272 -4.40 7.58 0.08
CA THR B 272 -4.55 6.20 0.52
C THR B 272 -4.03 6.01 1.93
N ASP B 273 -4.54 4.97 2.58
CA ASP B 273 -4.08 4.55 3.91
C ASP B 273 -3.96 3.04 3.96
N PHE B 274 -3.44 2.45 2.88
CA PHE B 274 -3.35 0.99 2.73
C PHE B 274 -1.87 0.61 2.74
N ASN B 275 -1.42 0.05 3.86
CA ASN B 275 -0.06 -0.43 4.02
C ASN B 275 -0.06 -1.94 4.20
N THR B 276 0.78 -2.62 3.43
CA THR B 276 0.85 -4.08 3.43
C THR B 276 2.08 -4.62 4.13
N VAL B 277 2.85 -3.77 4.81
CA VAL B 277 4.11 -4.16 5.42
C VAL B 277 4.17 -3.63 6.84
N ALA B 278 4.59 -4.47 7.78
CA ALA B 278 4.79 -4.11 9.17
C ALA B 278 6.28 -3.96 9.44
N LEU B 279 6.65 -2.92 10.18
CA LEU B 279 8.04 -2.58 10.38
C LEU B 279 8.32 -2.31 11.86
N ASP B 280 9.45 -2.81 12.33
CA ASP B 280 9.97 -2.51 13.66
C ASP B 280 11.21 -1.64 13.46
N VAL B 281 11.07 -0.35 13.71
CA VAL B 281 12.12 0.62 13.46
C VAL B 281 12.91 0.85 14.74
N LYS B 282 14.22 0.65 14.67
CA LYS B 282 15.13 0.93 15.78
C LYS B 282 16.20 1.87 15.30
N THR B 283 16.32 3.02 15.94
CA THR B 283 17.26 4.06 15.53
C THR B 283 18.40 4.17 16.52
N PHE B 284 19.50 4.76 16.06
CA PHE B 284 20.70 4.94 16.87
C PHE B 284 21.11 6.38 17.07
N GLY B 285 20.69 7.30 16.20
CA GLY B 285 20.98 8.70 16.39
C GLY B 285 22.40 9.12 16.05
N ILE B 286 23.19 8.23 15.46
CA ILE B 286 24.58 8.56 15.15
C ILE B 286 24.63 9.52 13.97
N LYS B 287 25.36 10.61 14.13
CA LYS B 287 25.54 11.55 13.04
C LYS B 287 26.37 10.92 11.93
N ALA B 288 26.17 11.42 10.71
CA ALA B 288 26.82 10.83 9.54
C ALA B 288 28.33 10.96 9.60
N ASN B 289 28.84 12.06 10.15
CA ASN B 289 30.28 12.29 10.17
C ASN B 289 31.01 11.30 11.05
N ASP B 290 30.38 10.83 12.13
CA ASP B 290 31.03 9.90 13.04
C ASP B 290 31.10 8.51 12.42
N ASP B 291 32.18 8.24 11.68
CA ASP B 291 32.28 6.98 10.96
C ASP B 291 32.66 5.81 11.86
N LYS B 292 33.48 6.04 12.90
CA LYS B 292 33.89 4.95 13.77
C LYS B 292 32.73 4.45 14.61
N ALA B 293 31.92 5.37 15.15
CA ALA B 293 30.73 4.97 15.89
C ALA B 293 29.77 4.23 14.98
N LYS B 294 29.63 4.69 13.73
CA LYS B 294 28.78 3.99 12.77
C LYS B 294 29.30 2.59 12.50
N LEU B 295 30.62 2.42 12.45
CA LEU B 295 31.20 1.10 12.20
C LEU B 295 30.97 0.17 13.39
N LYS B 296 31.11 0.68 14.60
CA LYS B 296 30.81 -0.13 15.78
C LYS B 296 29.33 -0.51 15.80
N ALA B 297 28.45 0.42 15.43
CA ALA B 297 27.03 0.10 15.31
C ALA B 297 26.79 -0.96 14.27
N LEU B 298 27.51 -0.89 13.13
CA LEU B 298 27.41 -1.94 12.13
C LEU B 298 27.79 -3.28 12.70
N GLY B 299 28.86 -3.33 13.50
CA GLY B 299 29.22 -4.58 14.16
C GLY B 299 28.09 -5.10 15.03
N GLU B 300 27.49 -4.22 15.83
CA GLU B 300 26.41 -4.63 16.72
C GLU B 300 25.21 -5.18 15.93
N ILE B 301 24.77 -4.44 14.91
CA ILE B 301 23.61 -4.87 14.13
C ILE B 301 23.92 -6.14 13.35
N ALA B 302 25.12 -6.24 12.76
CA ALA B 302 25.50 -7.45 12.05
C ALA B 302 25.47 -8.65 12.97
N HIS B 303 25.87 -8.47 14.22
CA HIS B 303 25.65 -9.52 15.21
C HIS B 303 24.16 -9.79 15.40
N ALA B 304 23.35 -8.73 15.41
CA ALA B 304 21.91 -8.89 15.58
C ALA B 304 21.26 -9.46 14.32
N CYS B 305 21.62 -8.95 13.15
CA CYS B 305 21.00 -9.40 11.91
C CYS B 305 21.45 -10.81 11.57
N VAL B 306 20.49 -11.70 11.31
CA VAL B 306 20.78 -13.10 11.02
C VAL B 306 20.15 -13.49 9.69
N ASP B 307 19.07 -12.81 9.32
CA ASP B 307 18.31 -13.13 8.13
C ASP B 307 18.78 -12.26 6.95
N ALA B 308 18.05 -12.33 5.85
CA ALA B 308 18.39 -11.59 4.65
C ALA B 308 18.42 -10.09 4.95
N THR B 309 19.59 -9.49 4.86
CA THR B 309 19.80 -8.10 5.22
C THR B 309 20.10 -7.28 3.98
N ILE B 310 19.42 -6.15 3.83
CA ILE B 310 19.71 -5.16 2.80
C ILE B 310 20.26 -3.92 3.50
N ILE B 311 21.49 -3.56 3.16
CA ILE B 311 22.16 -2.42 3.75
C ILE B 311 22.19 -1.30 2.73
N TYR B 312 21.60 -0.17 3.09
CA TYR B 312 21.55 0.98 2.21
C TYR B 312 22.75 1.88 2.47
N CYS B 313 23.49 2.20 1.41
CA CYS B 313 24.67 3.04 1.50
C CYS B 313 24.55 4.20 0.53
N LYS B 314 25.31 5.26 0.81
CA LYS B 314 25.27 6.46 -0.01
C LYS B 314 26.22 6.42 -1.19
N SER B 315 27.11 5.43 -1.26
CA SER B 315 28.11 5.36 -2.32
C SER B 315 28.63 3.93 -2.39
N PRO B 316 29.17 3.52 -3.54
CA PRO B 316 29.75 2.17 -3.61
C PRO B 316 31.00 2.00 -2.75
N THR B 317 31.78 3.06 -2.56
CA THR B 317 32.94 2.97 -1.68
C THR B 317 32.52 2.71 -0.25
N VAL B 318 31.45 3.36 0.20
CA VAL B 318 30.91 3.12 1.54
C VAL B 318 30.46 1.67 1.67
N ALA B 319 29.82 1.13 0.63
CA ALA B 319 29.41 -0.26 0.64
C ALA B 319 30.62 -1.20 0.70
N GLY B 320 31.68 -0.86 -0.02
CA GLY B 320 32.89 -1.66 0.07
C GLY B 320 33.48 -1.66 1.47
N LEU B 321 33.52 -0.49 2.11
CA LEU B 321 34.01 -0.42 3.48
C LEU B 321 33.15 -1.25 4.42
N VAL B 322 31.83 -1.17 4.27
CA VAL B 322 30.92 -1.92 5.13
C VAL B 322 31.13 -3.43 4.92
N ALA B 323 31.30 -3.86 3.67
CA ALA B 323 31.53 -5.26 3.39
C ALA B 323 32.85 -5.74 3.98
N ARG B 324 33.90 -4.92 3.87
CA ARG B 324 35.19 -5.29 4.44
C ARG B 324 35.10 -5.42 5.95
N GLU B 325 34.37 -4.51 6.60
CA GLU B 325 34.20 -4.65 8.05
C GLU B 325 33.32 -5.85 8.41
N LEU B 326 32.32 -6.15 7.58
CA LEU B 326 31.46 -7.29 7.84
C LEU B 326 32.25 -8.60 7.78
N ILE B 327 33.14 -8.72 6.80
CA ILE B 327 33.99 -9.91 6.75
C ILE B 327 35.10 -9.86 7.78
N ARG B 328 35.44 -8.66 8.28
CA ARG B 328 36.42 -8.58 9.37
C ARG B 328 35.90 -9.24 10.63
N LEU B 329 34.60 -9.17 10.88
CA LEU B 329 33.99 -9.76 12.07
C LEU B 329 33.58 -11.21 11.87
N GLY B 330 33.82 -11.79 10.69
CA GLY B 330 33.47 -13.16 10.44
C GLY B 330 32.04 -13.41 10.00
N HIS B 331 31.27 -12.37 9.73
CA HIS B 331 29.91 -12.54 9.22
C HIS B 331 29.96 -12.92 7.74
N GLY B 332 29.22 -13.95 7.38
CA GLY B 332 29.21 -14.43 6.01
C GLY B 332 30.12 -15.63 5.82
N THR B 333 29.72 -16.52 4.92
CA THR B 333 30.45 -17.76 4.68
C THR B 333 31.31 -17.60 3.44
N PRO B 334 32.64 -17.63 3.56
CA PRO B 334 33.49 -17.56 2.37
C PRO B 334 33.25 -18.75 1.46
N THR B 335 33.26 -18.47 0.15
CA THR B 335 33.02 -19.51 -0.84
C THR B 335 33.58 -19.05 -2.18
N GLU B 336 33.80 -20.01 -3.07
CA GLU B 336 34.33 -19.74 -4.40
C GLU B 336 33.50 -20.49 -5.44
N ASN B 337 33.47 -19.93 -6.64
CA ASN B 337 32.69 -20.46 -7.74
C ASN B 337 33.26 -19.92 -9.04
N PRO B 338 32.84 -20.45 -10.19
CA PRO B 338 33.37 -19.91 -11.46
C PRO B 338 33.13 -18.42 -11.64
N HIS B 339 32.03 -17.89 -11.11
CA HIS B 339 31.74 -16.47 -11.27
C HIS B 339 32.79 -15.61 -10.58
N VAL B 340 33.18 -15.97 -9.36
CA VAL B 340 34.21 -15.17 -8.68
C VAL B 340 35.54 -15.28 -9.41
N ASP B 341 35.83 -16.43 -10.00
CA ASP B 341 37.04 -16.56 -10.82
C ASP B 341 36.99 -15.63 -12.02
N TRP B 342 35.82 -15.56 -12.68
CA TRP B 342 35.68 -14.67 -13.83
C TRP B 342 35.85 -13.22 -13.42
N VAL B 343 35.24 -12.80 -12.32
CA VAL B 343 35.37 -11.42 -11.87
C VAL B 343 36.82 -11.11 -11.51
N SER B 344 37.49 -12.03 -10.83
CA SER B 344 38.88 -11.81 -10.45
C SER B 344 39.78 -11.70 -11.68
N GLU B 345 39.55 -12.55 -12.68
CA GLU B 345 40.39 -12.55 -13.86
C GLU B 345 40.03 -11.46 -14.86
N GLU B 346 38.87 -10.81 -14.71
CA GLU B 346 38.45 -9.79 -15.66
C GLU B 346 38.50 -8.36 -15.11
N PHE B 347 38.32 -8.17 -13.81
CA PHE B 347 38.28 -6.83 -13.24
C PHE B 347 39.46 -6.55 -12.32
N ASP B 348 39.62 -7.32 -11.25
CA ASP B 348 40.68 -7.12 -10.27
C ASP B 348 40.56 -8.23 -9.22
N ALA B 349 41.53 -8.27 -8.32
CA ALA B 349 41.54 -9.24 -7.23
C ALA B 349 41.01 -8.67 -5.92
N ASP B 350 41.34 -7.42 -5.60
CA ASP B 350 40.93 -6.79 -4.36
C ASP B 350 39.75 -5.83 -4.55
N TRP B 351 39.09 -5.90 -5.70
CA TRP B 351 37.90 -5.10 -5.95
C TRP B 351 36.81 -5.42 -4.94
N ASP B 352 36.05 -4.39 -4.55
CA ASP B 352 35.03 -4.56 -3.52
C ASP B 352 34.08 -5.70 -3.85
N TYR B 353 33.59 -5.72 -5.10
CA TYR B 353 32.68 -6.78 -5.52
C TYR B 353 33.34 -8.14 -5.43
N THR B 354 34.60 -8.24 -5.84
CA THR B 354 35.29 -9.53 -5.86
C THR B 354 35.43 -10.11 -4.46
N VAL B 355 35.98 -9.33 -3.53
CA VAL B 355 36.17 -9.84 -2.17
C VAL B 355 34.82 -10.07 -1.49
N ALA B 356 33.87 -9.17 -1.69
CA ALA B 356 32.56 -9.33 -1.07
C ALA B 356 31.88 -10.60 -1.55
N LEU B 357 31.95 -10.89 -2.85
CA LEU B 357 31.35 -12.10 -3.38
C LEU B 357 32.13 -13.34 -2.94
N ARG B 358 33.45 -13.23 -2.79
CA ARG B 358 34.23 -14.33 -2.27
C ARG B 358 33.86 -14.64 -0.83
N ASN B 359 33.37 -13.63 -0.09
CA ASN B 359 33.00 -13.81 1.30
C ASN B 359 31.49 -13.81 1.53
N GLY B 360 30.69 -13.84 0.47
CA GLY B 360 29.25 -13.93 0.62
C GLY B 360 28.52 -12.62 0.80
N ILE B 361 29.10 -11.51 0.36
CA ILE B 361 28.50 -10.19 0.46
C ILE B 361 28.23 -9.68 -0.95
N GLY B 362 27.04 -9.14 -1.19
CA GLY B 362 26.71 -8.73 -2.53
C GLY B 362 26.56 -7.24 -2.74
N LEU B 363 27.51 -6.62 -3.43
CA LEU B 363 27.37 -5.22 -3.80
C LEU B 363 26.47 -5.09 -5.02
N HIS B 364 25.60 -4.08 -4.99
CA HIS B 364 24.60 -3.89 -6.04
C HIS B 364 24.49 -2.41 -6.40
N PHE B 365 25.62 -1.73 -6.54
CA PHE B 365 25.57 -0.32 -6.91
C PHE B 365 25.24 -0.17 -8.39
N GLY B 366 24.89 1.07 -8.76
CA GLY B 366 24.43 1.32 -10.12
C GLY B 366 25.51 1.13 -11.17
N ALA B 367 26.73 1.56 -10.88
CA ALA B 367 27.81 1.50 -11.85
C ALA B 367 28.27 0.07 -12.13
N LEU B 368 27.81 -0.90 -11.35
CA LEU B 368 28.16 -2.29 -11.60
C LEU B 368 27.66 -2.72 -12.98
N PRO B 369 28.41 -3.54 -13.71
CA PRO B 369 27.92 -4.05 -15.00
C PRO B 369 26.62 -4.83 -14.82
N ARG B 370 25.74 -4.70 -15.81
CA ARG B 370 24.39 -5.23 -15.69
C ARG B 370 24.38 -6.74 -15.48
N ALA B 371 25.34 -7.45 -16.09
CA ALA B 371 25.43 -8.89 -15.86
C ALA B 371 25.72 -9.19 -14.40
N LEU B 372 26.66 -8.46 -13.79
CA LEU B 372 26.94 -8.66 -12.38
C LEU B 372 25.80 -8.17 -11.51
N GLN B 373 25.08 -7.13 -11.94
CA GLN B 373 23.89 -6.70 -11.21
C GLN B 373 22.86 -7.83 -11.16
N GLN B 374 22.60 -8.46 -12.32
CA GLN B 374 21.66 -9.58 -12.36
C GLN B 374 22.16 -10.74 -11.50
N TYR B 375 23.47 -11.01 -11.55
CA TYR B 375 24.02 -12.10 -10.76
C TYR B 375 23.81 -11.85 -9.27
N THR B 376 24.11 -10.62 -8.81
CA THR B 376 23.89 -10.29 -7.40
C THR B 376 22.41 -10.38 -7.05
N ALA B 377 21.54 -9.90 -7.94
CA ALA B 377 20.11 -9.90 -7.65
C ALA B 377 19.57 -11.31 -7.48
N ASP B 378 19.89 -12.21 -8.42
CA ASP B 378 19.32 -13.55 -8.32
C ASP B 378 20.10 -14.43 -7.36
N GLN B 379 21.29 -13.99 -6.93
CA GLN B 379 21.95 -14.65 -5.81
C GLN B 379 21.27 -14.29 -4.50
N PHE B 380 20.93 -13.01 -4.32
CA PHE B 380 20.21 -12.58 -3.13
C PHE B 380 18.82 -13.20 -3.08
N ASN B 381 18.14 -13.26 -4.23
CA ASN B 381 16.79 -13.83 -4.26
C ASN B 381 16.80 -15.30 -3.88
N ALA B 382 17.81 -16.04 -4.33
CA ALA B 382 17.92 -17.45 -3.98
C ALA B 382 18.22 -17.68 -2.50
N GLY B 383 18.59 -16.63 -1.76
CA GLY B 383 18.93 -16.75 -0.36
C GLY B 383 20.38 -17.08 -0.09
N LYS B 384 21.18 -17.29 -1.12
CA LYS B 384 22.59 -17.60 -0.92
C LYS B 384 23.32 -16.44 -0.27
N LEU B 385 23.03 -15.22 -0.70
CA LEU B 385 23.61 -14.05 -0.07
C LEU B 385 22.93 -13.75 1.27
N ARG B 386 23.62 -12.99 2.09
CA ARG B 386 23.08 -12.56 3.38
C ARG B 386 23.08 -11.05 3.55
N PHE B 387 24.12 -10.36 3.08
CA PHE B 387 24.21 -8.91 3.15
C PHE B 387 24.27 -8.37 1.73
N LEU B 388 23.17 -7.80 1.26
CA LEU B 388 23.13 -7.12 -0.03
C LEU B 388 23.25 -5.63 0.23
N LEU B 389 24.30 -5.01 -0.28
CA LEU B 389 24.61 -3.61 -0.02
C LEU B 389 24.21 -2.78 -1.23
N CYS B 390 23.01 -2.22 -1.18
CA CYS B 390 22.46 -1.44 -2.27
C CYS B 390 22.66 0.04 -1.99
N THR B 391 23.02 0.79 -3.04
CA THR B 391 23.19 2.23 -2.94
C THR B 391 21.99 2.99 -3.48
N SER B 392 20.89 2.31 -3.79
CA SER B 392 19.68 2.95 -4.26
C SER B 392 18.48 2.25 -3.63
N THR B 393 17.37 2.99 -3.51
CA THR B 393 16.18 2.44 -2.88
C THR B 393 15.62 1.28 -3.69
N ILE B 394 15.52 1.44 -5.01
CA ILE B 394 14.96 0.42 -5.88
C ILE B 394 16.10 -0.45 -6.39
N ILE B 395 16.11 -1.70 -5.95
CA ILE B 395 17.11 -2.67 -6.38
C ILE B 395 16.49 -3.50 -7.49
N GLU B 396 17.07 -3.44 -8.68
CA GLU B 396 16.49 -4.09 -9.85
C GLU B 396 16.71 -5.59 -9.78
N GLY B 397 15.62 -6.35 -9.78
CA GLY B 397 15.68 -7.80 -9.83
C GLY B 397 15.41 -8.50 -8.52
N VAL B 398 15.40 -7.79 -7.40
CA VAL B 398 15.19 -8.43 -6.10
C VAL B 398 13.70 -8.66 -5.88
N ASN B 399 13.37 -9.77 -5.23
CA ASN B 399 12.01 -10.12 -4.89
C ASN B 399 11.79 -9.93 -3.39
N THR B 400 10.61 -10.31 -2.92
CA THR B 400 10.24 -10.12 -1.52
C THR B 400 10.89 -11.24 -0.71
N ILE B 401 12.15 -11.05 -0.35
CA ILE B 401 12.92 -12.02 0.43
C ILE B 401 13.39 -11.40 1.74
N ALA B 402 13.81 -10.14 1.68
CA ALA B 402 14.55 -9.52 2.78
C ALA B 402 13.71 -9.46 4.05
N LYS B 403 14.41 -9.49 5.19
CA LYS B 403 13.79 -9.36 6.49
C LYS B 403 14.35 -8.24 7.35
N ASN B 404 15.57 -7.77 7.05
CA ASN B 404 16.20 -6.67 7.78
C ASN B 404 16.67 -5.63 6.79
N VAL B 405 16.48 -4.36 7.12
CA VAL B 405 17.00 -3.25 6.35
C VAL B 405 17.83 -2.38 7.26
N VAL B 406 19.12 -2.28 6.98
CA VAL B 406 20.05 -1.47 7.76
C VAL B 406 20.36 -0.22 6.95
N ILE B 407 19.83 0.92 7.39
CA ILE B 407 20.08 2.18 6.71
C ILE B 407 21.37 2.74 7.29
N TYR B 408 22.50 2.30 6.74
CA TYR B 408 23.78 2.78 7.23
C TYR B 408 23.94 4.28 6.98
N ASP B 409 23.52 4.75 5.82
CA ASP B 409 23.53 6.17 5.49
C ASP B 409 22.11 6.62 5.19
N ASN B 410 21.66 7.67 5.87
CA ASN B 410 20.33 8.22 5.69
C ASN B 410 20.32 9.60 5.07
N ARG B 411 21.04 10.54 5.68
CA ARG B 411 21.13 11.91 5.16
C ARG B 411 22.15 11.91 4.03
N ASP B 412 21.65 11.74 2.80
CA ASP B 412 22.54 11.71 1.64
C ASP B 412 23.14 13.07 1.32
N GLY B 413 22.57 14.15 1.87
CA GLY B 413 23.08 15.48 1.63
C GLY B 413 22.64 16.05 0.30
N THR B 414 23.16 17.24 0.00
CA THR B 414 22.84 17.99 -1.21
C THR B 414 21.33 18.20 -1.34
N ARG B 415 20.78 18.92 -0.36
CA ARG B 415 19.38 19.35 -0.32
C ARG B 415 18.43 18.17 -0.13
N SER B 416 18.95 16.95 -0.12
CA SER B 416 18.12 15.79 0.17
C SER B 416 17.79 15.77 1.65
N ILE B 417 16.51 15.91 1.99
CA ILE B 417 16.09 15.98 3.38
C ILE B 417 16.46 14.68 4.06
N ASP B 418 15.83 13.58 3.64
CA ASP B 418 16.13 12.25 4.15
C ASP B 418 15.31 11.23 3.38
N LYS B 419 15.87 10.03 3.24
CA LYS B 419 15.05 8.89 2.88
C LYS B 419 14.46 8.28 4.15
N PHE B 420 13.37 7.52 3.98
CA PHE B 420 12.68 6.86 5.10
C PHE B 420 12.24 7.90 6.14
N THR B 421 11.30 8.74 5.73
CA THR B 421 10.83 9.86 6.54
C THR B 421 9.62 9.51 7.41
N HIS B 422 9.47 8.24 7.81
CA HIS B 422 8.36 7.76 8.62
C HIS B 422 7.04 7.80 7.85
N GLY B 423 7.08 8.34 6.64
CA GLY B 423 5.95 8.29 5.74
C GLY B 423 6.37 7.55 4.49
N ASN B 424 7.67 7.37 4.34
CA ASN B 424 8.26 6.62 3.24
C ASN B 424 8.82 5.28 3.68
N ILE B 425 8.96 5.04 4.98
CA ILE B 425 9.64 3.84 5.46
C ILE B 425 8.90 2.60 4.99
N LYS B 426 7.57 2.59 5.11
CA LYS B 426 6.80 1.44 4.68
C LYS B 426 6.78 1.29 3.16
N GLY B 427 6.61 2.38 2.43
CA GLY B 427 6.65 2.32 0.98
C GLY B 427 8.00 1.90 0.43
N ARG B 428 9.07 2.50 0.96
CA ARG B 428 10.41 2.13 0.51
C ARG B 428 10.76 0.71 0.92
N ALA B 429 10.30 0.27 2.10
CA ALA B 429 10.51 -1.11 2.51
C ALA B 429 9.79 -2.07 1.58
N GLY B 430 8.56 -1.73 1.18
CA GLY B 430 7.85 -2.55 0.21
C GLY B 430 8.57 -2.58 -1.14
N ARG B 431 9.14 -1.45 -1.55
CA ARG B 431 9.94 -1.42 -2.77
C ARG B 431 11.14 -2.35 -2.65
N MET B 432 11.82 -2.33 -1.50
CA MET B 432 12.94 -3.24 -1.28
C MET B 432 12.50 -4.69 -1.16
N GLY B 433 11.20 -4.93 -0.94
CA GLY B 433 10.70 -6.28 -0.87
C GLY B 433 10.99 -6.98 0.44
N VAL B 434 10.50 -6.42 1.53
CA VAL B 434 10.62 -7.05 2.85
C VAL B 434 9.41 -7.94 3.06
N HIS B 435 9.65 -9.17 3.52
CA HIS B 435 8.59 -10.15 3.67
C HIS B 435 7.81 -9.83 4.94
N PHE B 436 6.65 -9.21 4.77
CA PHE B 436 5.74 -8.89 5.86
C PHE B 436 6.41 -8.02 6.92
N VAL B 437 6.93 -8.64 7.97
CA VAL B 437 7.54 -7.90 9.06
C VAL B 437 9.02 -7.68 8.74
N GLY B 438 9.47 -6.44 8.89
CA GLY B 438 10.86 -6.10 8.67
C GLY B 438 11.45 -5.24 9.76
N LYS B 439 12.67 -5.55 10.18
CA LYS B 439 13.37 -4.76 11.18
C LYS B 439 14.24 -3.73 10.47
N ILE B 440 14.00 -2.45 10.78
CA ILE B 440 14.69 -1.35 10.12
C ILE B 440 15.65 -0.76 11.14
N PHE B 441 16.93 -1.09 11.01
CA PHE B 441 17.98 -0.54 11.86
C PHE B 441 18.54 0.71 11.19
N CYS B 442 18.19 1.87 11.74
CA CYS B 442 18.61 3.14 11.17
C CYS B 442 19.78 3.69 11.98
N LEU B 443 20.91 3.91 11.31
CA LEU B 443 22.10 4.43 11.99
C LEU B 443 21.86 5.84 12.52
N GLU B 444 21.25 6.69 11.70
CA GLU B 444 20.96 8.07 12.10
C GLU B 444 19.56 8.14 12.71
N GLU B 445 19.06 9.36 12.90
CA GLU B 445 17.71 9.57 13.40
C GLU B 445 16.75 9.69 12.22
N ILE B 446 15.56 9.13 12.39
CA ILE B 446 14.55 9.11 11.33
C ILE B 446 13.67 10.34 11.50
N PRO B 447 13.71 11.30 10.56
CA PRO B 447 12.85 12.48 10.67
C PRO B 447 11.51 12.28 10.00
N GLU B 448 10.69 13.33 9.97
CA GLU B 448 9.42 13.32 9.24
C GLU B 448 9.36 14.57 8.38
N ASP B 449 8.88 14.40 7.15
CA ASP B 449 8.82 15.49 6.17
C ASP B 449 10.17 16.14 5.96
N GLU B 510 21.32 26.64 -23.56
CA GLU B 510 22.48 26.66 -22.67
C GLU B 510 23.38 25.45 -22.91
N GLN B 511 23.18 24.78 -24.05
CA GLN B 511 24.00 23.62 -24.38
C GLN B 511 24.52 23.70 -25.81
N PHE B 512 23.78 24.37 -26.69
CA PHE B 512 24.06 24.34 -28.11
C PHE B 512 24.76 25.59 -28.63
N GLU B 513 25.16 26.52 -27.76
CA GLU B 513 25.64 27.82 -28.22
C GLU B 513 26.93 28.30 -27.58
N MET B 514 27.43 27.66 -26.52
CA MET B 514 28.64 28.16 -25.87
C MET B 514 29.89 27.81 -26.68
N LEU B 515 29.87 26.68 -27.38
CA LEU B 515 31.08 26.19 -28.04
C LEU B 515 31.55 27.14 -29.15
N GLN B 516 30.61 27.71 -29.91
CA GLN B 516 30.99 28.61 -30.99
C GLN B 516 31.67 29.86 -30.47
N SER B 517 31.26 30.35 -29.28
CA SER B 517 31.92 31.51 -28.69
C SER B 517 33.39 31.21 -28.38
N MET B 518 33.66 30.02 -27.82
CA MET B 518 35.04 29.64 -27.57
C MET B 518 35.81 29.46 -28.87
N PHE B 519 35.17 28.85 -29.88
CA PHE B 519 35.82 28.66 -31.17
C PHE B 519 36.11 29.98 -31.88
N GLU B 520 35.37 31.04 -31.55
CA GLU B 520 35.64 32.34 -32.16
C GLU B 520 37.03 32.85 -31.79
N MET B 521 37.42 32.68 -30.53
CA MET B 521 38.76 33.10 -30.11
C MET B 521 39.83 32.20 -30.70
N MET B 522 39.56 30.90 -30.80
CA MET B 522 40.53 29.94 -31.30
C MET B 522 40.90 30.27 -32.74
N ASP B 523 42.20 30.31 -33.02
CA ASP B 523 42.72 30.87 -34.26
C ASP B 523 42.83 29.80 -35.35
N ASP B 524 43.15 30.25 -36.56
CA ASP B 524 43.22 29.36 -37.71
C ASP B 524 44.39 28.37 -37.61
N ASN B 525 45.41 28.70 -36.83
CA ASN B 525 46.56 27.80 -36.72
C ASN B 525 46.16 26.46 -36.08
N GLU B 526 45.31 26.51 -35.06
CA GLU B 526 44.82 25.32 -34.39
C GLU B 526 43.50 24.82 -34.97
N PHE B 527 42.99 25.47 -36.02
CA PHE B 527 41.73 25.05 -36.62
C PHE B 527 41.84 23.70 -37.34
N SER B 528 43.06 23.27 -37.68
CA SER B 528 43.24 22.01 -38.39
C SER B 528 42.94 20.79 -37.53
N SER B 529 42.85 20.94 -36.21
CA SER B 529 42.59 19.82 -35.31
C SER B 529 41.10 19.55 -35.12
N LEU B 530 40.23 20.36 -35.72
CA LEU B 530 38.80 20.18 -35.56
C LEU B 530 38.07 19.75 -36.82
N VAL B 531 38.73 19.77 -37.98
CA VAL B 531 38.11 19.33 -39.23
C VAL B 531 38.78 18.03 -39.67
N PHE B 532 38.20 16.91 -39.28
CA PHE B 532 38.76 15.59 -39.58
C PHE B 532 37.83 14.83 -40.51
N HIS B 533 38.30 13.66 -40.94
CA HIS B 533 37.49 12.74 -41.72
C HIS B 533 38.04 11.34 -41.54
N TRP B 534 37.16 10.41 -41.15
CA TRP B 534 37.52 9.03 -40.86
C TRP B 534 38.62 8.96 -39.81
N THR B 535 39.86 8.72 -40.24
CA THR B 535 40.96 8.60 -39.31
C THR B 535 41.28 9.96 -38.69
N PRO B 536 41.43 10.05 -37.37
CA PRO B 536 41.81 11.33 -36.75
C PRO B 536 43.24 11.72 -37.06
N ALA B 537 43.64 12.91 -36.65
CA ALA B 537 44.99 13.43 -36.87
C ALA B 537 45.71 13.62 -35.54
N THR B 538 46.93 14.14 -35.61
CA THR B 538 47.75 14.34 -34.43
C THR B 538 47.27 15.56 -33.65
N ASN B 539 47.67 15.61 -32.38
CA ASN B 539 47.37 16.71 -31.46
C ASN B 539 45.88 16.90 -31.24
N PHE B 540 45.06 15.91 -31.60
CA PHE B 540 43.63 15.99 -31.36
C PHE B 540 43.29 15.76 -29.89
N LEU B 541 44.11 14.98 -29.18
CA LEU B 541 43.82 14.67 -27.78
C LEU B 541 43.80 15.93 -26.93
N LYS B 542 44.78 16.82 -27.11
CA LYS B 542 44.83 18.03 -26.31
C LYS B 542 43.63 18.93 -26.58
N THR B 543 43.27 19.11 -27.86
CA THR B 543 42.13 19.96 -28.20
C THR B 543 40.84 19.38 -27.64
N PHE B 544 40.64 18.06 -27.77
CA PHE B 544 39.43 17.44 -27.26
C PHE B 544 39.37 17.53 -25.73
N ALA B 545 40.50 17.34 -25.06
CA ALA B 545 40.53 17.47 -23.61
C ALA B 545 40.19 18.90 -23.18
N LYS B 546 40.73 19.89 -23.89
CA LYS B 546 40.41 21.28 -23.57
C LYS B 546 38.93 21.56 -23.80
N ILE B 547 38.35 20.99 -24.85
CA ILE B 547 36.93 21.19 -25.12
C ILE B 547 36.07 20.57 -24.03
N ILE B 548 36.39 19.33 -23.64
CA ILE B 548 35.58 18.64 -22.65
C ILE B 548 35.80 19.18 -21.24
N ALA B 549 36.93 19.83 -20.99
CA ALA B 549 37.15 20.48 -19.70
C ALA B 549 36.31 21.73 -19.52
N ARG B 550 35.70 22.23 -20.59
CA ARG B 550 34.83 23.40 -20.53
C ARG B 550 33.37 23.08 -20.77
N LEU B 551 33.07 22.16 -21.71
CA LEU B 551 31.67 21.84 -22.00
C LEU B 551 31.02 21.08 -20.85
N VAL B 552 31.68 20.03 -20.35
CA VAL B 552 31.11 19.21 -19.28
C VAL B 552 32.15 19.00 -18.18
N PRO B 553 32.55 20.06 -17.46
CA PRO B 553 33.54 19.88 -16.38
C PRO B 553 33.06 18.95 -15.28
N HIS B 554 31.78 18.98 -14.92
CA HIS B 554 31.28 18.13 -13.85
C HIS B 554 31.25 16.66 -14.27
N THR B 555 30.98 16.39 -15.54
CA THR B 555 30.92 15.02 -16.01
C THR B 555 32.25 14.30 -15.82
N PHE B 556 33.36 14.97 -16.12
CA PHE B 556 34.67 14.38 -15.89
C PHE B 556 35.13 14.54 -14.45
N SER B 557 34.63 15.56 -13.74
CA SER B 557 35.07 15.78 -12.37
C SER B 557 34.48 14.75 -11.42
N ARG B 558 33.26 14.28 -11.67
CA ARG B 558 32.60 13.35 -10.78
C ARG B 558 33.25 11.97 -10.78
N ASN B 559 34.14 11.69 -11.72
CA ASN B 559 34.82 10.40 -11.80
C ASN B 559 36.24 10.45 -11.25
N GLY B 560 36.58 11.50 -10.50
CA GLY B 560 37.91 11.65 -9.96
C GLY B 560 38.93 12.24 -10.91
N VAL B 561 38.50 12.65 -12.11
CA VAL B 561 39.40 13.24 -13.10
C VAL B 561 39.33 14.75 -12.94
N PRO B 562 40.39 15.41 -12.47
CA PRO B 562 40.33 16.86 -12.26
C PRO B 562 40.16 17.61 -13.57
N VAL B 563 39.47 18.75 -13.48
CA VAL B 563 39.29 19.61 -14.65
C VAL B 563 40.63 20.16 -15.12
N LYS B 564 41.46 20.61 -14.18
CA LYS B 564 42.78 21.15 -14.50
C LYS B 564 43.83 20.47 -13.64
N PRO B 565 45.04 20.25 -14.18
CA PRO B 565 45.52 20.60 -15.52
C PRO B 565 44.92 19.71 -16.62
N THR B 566 44.92 20.19 -17.86
CA THR B 566 44.31 19.46 -18.97
C THR B 566 45.27 18.41 -19.53
N ASP B 567 45.59 17.42 -18.69
CA ASP B 567 46.53 16.38 -19.08
C ASP B 567 45.96 14.98 -18.84
N VAL B 568 45.21 14.81 -17.76
CA VAL B 568 44.71 13.49 -17.41
C VAL B 568 43.63 13.04 -18.40
N MET B 569 42.78 13.95 -18.86
CA MET B 569 41.84 13.59 -19.92
C MET B 569 42.56 13.17 -21.19
N ILE B 570 43.73 13.75 -21.47
CA ILE B 570 44.54 13.31 -22.60
C ILE B 570 44.96 11.87 -22.41
N ALA B 571 45.40 11.52 -21.19
CA ALA B 571 45.80 10.14 -20.91
C ALA B 571 44.62 9.18 -21.08
N LYS B 572 43.45 9.57 -20.59
CA LYS B 572 42.27 8.70 -20.72
C LYS B 572 41.90 8.51 -22.19
N LEU B 573 41.92 9.59 -22.97
CA LEU B 573 41.58 9.50 -24.39
C LEU B 573 42.60 8.65 -25.14
N ALA B 574 43.89 8.82 -24.84
CA ALA B 574 44.91 7.99 -25.48
C ALA B 574 44.76 6.52 -25.10
N GLY B 575 44.43 6.24 -23.84
CA GLY B 575 44.20 4.86 -23.44
C GLY B 575 43.03 4.23 -24.17
N TYR B 576 41.94 4.99 -24.33
CA TYR B 576 40.79 4.46 -25.05
C TYR B 576 41.09 4.28 -26.53
N LEU B 577 41.82 5.23 -27.13
CA LEU B 577 42.11 5.14 -28.56
C LEU B 577 43.07 4.00 -28.87
N SER B 578 44.17 3.90 -28.13
CA SER B 578 45.19 2.90 -28.43
C SER B 578 44.72 1.48 -28.11
N ALA B 579 43.78 1.33 -27.18
CA ALA B 579 43.31 0.01 -26.81
C ALA B 579 42.52 -0.63 -27.95
N GLU B 580 42.70 -1.94 -28.09
CA GLU B 580 41.96 -2.71 -29.09
C GLU B 580 40.67 -3.28 -28.53
N SER B 581 40.67 -3.70 -27.26
CA SER B 581 39.51 -4.31 -26.63
C SER B 581 39.26 -3.65 -25.28
N TYR B 582 38.04 -3.81 -24.78
CA TYR B 582 37.66 -3.20 -23.51
C TYR B 582 38.45 -3.81 -22.36
N SER B 583 38.65 -5.13 -22.38
CA SER B 583 39.33 -5.80 -21.26
C SER B 583 40.77 -5.32 -21.12
N GLU B 584 41.48 -5.19 -22.24
CA GLU B 584 42.85 -4.68 -22.19
C GLU B 584 42.88 -3.25 -21.67
N TYR B 585 41.92 -2.43 -22.07
CA TYR B 585 41.82 -1.07 -21.55
C TYR B 585 41.63 -1.08 -20.04
N LEU B 586 40.75 -1.94 -19.54
CA LEU B 586 40.51 -2.01 -18.10
C LEU B 586 41.74 -2.49 -17.34
N LYS B 587 42.45 -3.49 -17.90
CA LYS B 587 43.67 -3.96 -17.27
C LYS B 587 44.73 -2.88 -17.21
N ASN B 588 44.93 -2.14 -18.30
CA ASN B 588 45.89 -1.04 -18.28
C ASN B 588 45.46 0.03 -17.27
N GLN B 589 44.15 0.31 -17.20
CA GLN B 589 43.67 1.32 -16.27
C GLN B 589 43.92 0.92 -14.82
N ILE B 590 43.70 -0.34 -14.47
CA ILE B 590 43.96 -0.74 -13.08
C ILE B 590 45.46 -0.78 -12.80
N ASP B 591 46.26 -1.21 -13.78
CA ASP B 591 47.70 -1.22 -13.60
C ASP B 591 48.28 0.17 -13.47
N TYR B 592 47.59 1.19 -13.99
CA TYR B 592 47.98 2.56 -13.74
C TYR B 592 47.36 3.14 -12.48
N ALA B 593 46.18 2.64 -12.09
CA ALA B 593 45.53 3.11 -10.88
C ALA B 593 46.29 2.69 -9.63
N ARG B 594 46.89 1.50 -9.66
CA ARG B 594 47.73 1.10 -8.53
C ARG B 594 48.92 2.05 -8.37
N GLN B 595 49.54 2.46 -9.48
CA GLN B 595 50.61 3.45 -9.41
C GLN B 595 50.09 4.78 -8.91
N TRP B 596 48.91 5.20 -9.37
CA TRP B 596 48.36 6.48 -8.94
C TRP B 596 48.08 6.49 -7.44
N ILE B 597 47.49 5.42 -6.91
CA ILE B 597 47.23 5.35 -5.48
C ILE B 597 48.53 5.16 -4.70
N SER B 598 49.56 4.62 -5.34
CA SER B 598 50.85 4.48 -4.68
C SER B 598 51.52 5.83 -4.41
N GLU B 599 51.08 6.90 -5.06
CA GLU B 599 51.64 8.22 -4.84
C GLU B 599 50.78 9.03 -3.87
N THR B 604 42.01 3.84 -3.05
CA THR B 604 42.75 2.66 -3.44
C THR B 604 42.25 2.10 -4.77
N LEU B 605 42.61 0.85 -5.06
CA LEU B 605 42.14 0.19 -6.27
C LEU B 605 40.64 -0.03 -6.26
N SER B 606 40.01 0.01 -5.07
CA SER B 606 38.58 -0.20 -4.98
C SER B 606 37.80 0.92 -5.66
N ILE B 607 38.14 2.18 -5.35
CA ILE B 607 37.43 3.31 -5.93
C ILE B 607 37.75 3.46 -7.41
N ALA B 608 38.96 3.06 -7.80
CA ALA B 608 39.40 3.25 -9.18
C ALA B 608 38.52 2.51 -10.16
N LEU B 609 38.20 1.25 -9.86
CA LEU B 609 37.35 0.48 -10.77
C LEU B 609 35.94 1.04 -10.84
N ASN B 610 35.38 1.51 -9.72
CA ASN B 610 34.05 2.09 -9.74
C ASN B 610 34.02 3.33 -10.64
N ASN B 611 34.96 4.25 -10.42
CA ASN B 611 35.01 5.45 -11.25
C ASN B 611 35.31 5.14 -12.71
N ASP B 612 36.14 4.13 -12.99
CA ASP B 612 36.45 3.77 -14.37
C ASP B 612 35.23 3.19 -15.07
N LEU B 613 34.50 2.30 -14.39
CA LEU B 613 33.28 1.75 -14.96
C LEU B 613 32.25 2.85 -15.22
N LYS B 614 32.09 3.77 -14.27
CA LYS B 614 31.17 4.89 -14.49
C LYS B 614 31.62 5.75 -15.66
N LEU B 615 32.93 6.01 -15.78
CA LEU B 615 33.43 6.83 -16.87
C LEU B 615 33.16 6.18 -18.22
N ILE B 616 33.40 4.88 -18.33
CA ILE B 616 33.19 4.20 -19.61
C ILE B 616 31.70 4.14 -19.94
N THR B 617 30.87 3.75 -18.97
CA THR B 617 29.45 3.54 -19.26
C THR B 617 28.72 4.85 -19.52
N ASN B 618 28.99 5.87 -18.70
CA ASN B 618 28.24 7.13 -18.77
C ASN B 618 28.93 8.16 -19.64
N THR B 619 30.17 8.52 -19.31
CA THR B 619 30.84 9.60 -20.02
C THR B 619 31.22 9.19 -21.43
N PHE B 620 32.04 8.14 -21.56
CA PHE B 620 32.49 7.70 -22.88
C PHE B 620 31.37 7.11 -23.72
N GLY B 621 30.22 6.82 -23.13
CA GLY B 621 29.13 6.21 -23.86
C GLY B 621 28.09 7.20 -24.36
N TYR B 622 27.68 8.14 -23.50
CA TYR B 622 26.58 9.03 -23.83
C TYR B 622 27.00 10.49 -23.94
N THR B 623 27.60 11.06 -22.90
CA THR B 623 27.83 12.51 -22.87
C THR B 623 28.92 12.92 -23.85
N LEU B 624 30.05 12.23 -23.82
CA LEU B 624 31.19 12.58 -24.67
C LEU B 624 30.85 12.39 -26.14
N PRO B 625 30.21 11.29 -26.55
CA PRO B 625 29.70 11.23 -27.92
C PRO B 625 28.71 12.33 -28.24
N LYS B 626 27.90 12.74 -27.27
CA LYS B 626 26.94 13.81 -27.51
C LYS B 626 27.66 15.11 -27.85
N VAL B 627 28.70 15.46 -27.09
CA VAL B 627 29.45 16.67 -27.41
C VAL B 627 30.28 16.51 -28.68
N LEU B 628 30.75 15.29 -28.97
CA LEU B 628 31.46 15.06 -30.23
C LEU B 628 30.57 15.31 -31.43
N SER B 629 29.31 14.88 -31.35
CA SER B 629 28.34 15.21 -32.39
C SER B 629 27.92 16.68 -32.34
N LEU B 630 27.91 17.30 -31.17
CA LEU B 630 27.53 18.70 -31.05
C LEU B 630 28.52 19.61 -31.75
N MET B 631 29.81 19.35 -31.60
CA MET B 631 30.81 20.23 -32.21
C MET B 631 30.82 20.16 -33.73
N GLU B 632 30.14 19.16 -34.32
CA GLU B 632 30.16 18.99 -35.77
C GLU B 632 29.54 20.20 -36.47
N ASP B 633 28.26 20.46 -36.22
CA ASP B 633 27.59 21.59 -36.87
C ASP B 633 28.19 22.92 -36.47
N VAL B 634 28.79 22.99 -35.28
CA VAL B 634 29.47 24.22 -34.87
C VAL B 634 30.69 24.47 -35.74
N VAL B 635 31.51 23.44 -35.97
CA VAL B 635 32.72 23.62 -36.75
C VAL B 635 32.43 23.73 -38.24
N LYS B 636 31.26 23.24 -38.69
CA LYS B 636 30.90 23.43 -40.11
C LYS B 636 30.82 24.91 -40.46
N HIS B 637 30.15 25.70 -39.61
CA HIS B 637 30.02 27.13 -39.88
C HIS B 637 31.38 27.83 -39.84
N HIS B 638 32.24 27.44 -38.88
CA HIS B 638 33.56 28.05 -38.81
C HIS B 638 34.40 27.70 -40.03
N ALA B 639 34.34 26.46 -40.49
CA ALA B 639 35.08 26.07 -41.69
C ALA B 639 34.57 26.81 -42.92
N VAL B 640 33.25 26.98 -43.02
CA VAL B 640 32.69 27.75 -44.14
C VAL B 640 33.17 29.20 -44.07
N LYS B 641 33.12 29.80 -42.89
CA LYS B 641 33.53 31.20 -42.74
C LYS B 641 35.01 31.39 -43.00
N ARG B 642 35.85 30.47 -42.52
CA ARG B 642 37.29 30.58 -42.66
C ARG B 642 37.81 30.08 -44.00
N GLY B 643 36.93 29.57 -44.87
CA GLY B 643 37.34 29.12 -46.17
C GLY B 643 37.92 27.73 -46.23
N ILE B 644 37.82 26.95 -45.16
CA ILE B 644 38.34 25.59 -45.14
C ILE B 644 37.37 24.68 -45.90
N ARG B 645 37.89 23.98 -46.90
CA ARG B 645 37.09 23.09 -47.73
C ARG B 645 37.21 21.62 -47.32
N SER B 646 37.89 21.34 -46.22
CA SER B 646 38.05 19.96 -45.77
C SER B 646 36.71 19.37 -45.32
N LYS B 647 36.56 18.07 -45.55
CA LYS B 647 35.33 17.39 -45.21
C LYS B 647 35.15 17.30 -43.70
N VAL B 648 33.90 17.27 -43.26
CA VAL B 648 33.54 17.15 -41.84
C VAL B 648 32.75 15.86 -41.68
N ASP B 649 33.33 14.89 -40.97
CA ASP B 649 32.67 13.61 -40.73
C ASP B 649 33.37 12.90 -39.59
N TYR B 650 32.61 12.50 -38.57
CA TYR B 650 33.15 11.76 -37.44
C TYR B 650 32.43 10.44 -37.24
N THR B 651 31.89 9.86 -38.33
CA THR B 651 31.26 8.56 -38.23
C THR B 651 32.27 7.48 -37.85
N HIS B 652 33.55 7.70 -38.16
CA HIS B 652 34.57 6.73 -37.75
C HIS B 652 34.93 6.88 -36.28
N VAL B 653 34.80 8.08 -35.73
CA VAL B 653 35.22 8.34 -34.34
C VAL B 653 34.04 8.30 -33.38
N LYS B 654 32.96 9.02 -33.70
CA LYS B 654 31.79 9.03 -32.84
C LYS B 654 31.18 7.65 -32.70
N LEU B 655 31.01 6.95 -33.84
CA LEU B 655 30.42 5.62 -33.79
C LEU B 655 31.36 4.62 -33.12
N ALA B 656 32.68 4.80 -33.30
CA ALA B 656 33.62 3.91 -32.61
C ALA B 656 33.55 4.10 -31.11
N PHE B 657 33.45 5.34 -30.64
CA PHE B 657 33.38 5.59 -29.21
C PHE B 657 32.05 5.11 -28.63
N GLU B 658 30.96 5.28 -29.39
CA GLU B 658 29.67 4.76 -28.91
C GLU B 658 29.64 3.24 -28.92
N SER B 659 30.35 2.62 -29.87
CA SER B 659 30.27 1.18 -30.05
C SER B 659 31.09 0.40 -29.04
N PHE B 660 31.94 1.08 -28.29
CA PHE B 660 32.74 0.45 -27.24
C PHE B 660 33.68 -0.62 -27.82
N HIS B 661 34.36 -0.26 -28.91
CA HIS B 661 35.28 -1.15 -29.62
C HIS B 661 34.59 -2.37 -30.22
N LEU B 662 33.29 -2.25 -30.50
CA LEU B 662 32.49 -3.31 -31.10
C LEU B 662 31.85 -2.79 -32.38
N PRO B 663 31.11 -3.61 -33.12
CA PRO B 663 30.25 -3.06 -34.16
C PRO B 663 29.22 -2.13 -33.56
N PRO B 664 28.75 -1.15 -34.32
CA PRO B 664 27.96 -0.06 -33.72
C PRO B 664 26.72 -0.51 -32.95
N GLY B 665 26.03 -1.55 -33.42
CA GLY B 665 24.82 -1.96 -32.75
C GLY B 665 25.01 -2.96 -31.62
N VAL B 666 26.16 -3.64 -31.57
CA VAL B 666 26.35 -4.74 -30.63
C VAL B 666 26.35 -4.26 -29.19
N ASN B 667 26.91 -3.07 -28.93
CA ASN B 667 26.99 -2.59 -27.55
C ASN B 667 25.62 -2.46 -26.89
N ALA B 668 24.56 -2.38 -27.69
CA ALA B 668 23.21 -2.30 -27.15
C ALA B 668 22.83 -3.54 -26.34
N LEU B 669 23.49 -4.69 -26.57
CA LEU B 669 23.23 -5.85 -25.74
C LEU B 669 23.78 -5.72 -24.34
N GLU B 670 24.67 -4.74 -24.08
CA GLU B 670 25.21 -4.57 -22.74
C GLU B 670 24.10 -4.25 -21.74
N GLU B 671 23.16 -3.40 -22.12
CA GLU B 671 22.00 -3.13 -21.27
C GLU B 671 21.16 -4.38 -21.05
N ILE B 672 21.16 -5.29 -22.03
CA ILE B 672 20.38 -6.52 -21.88
C ILE B 672 20.96 -7.38 -20.76
N GLY B 673 22.28 -7.36 -20.61
CA GLY B 673 22.92 -8.10 -19.54
C GLY B 673 24.06 -8.99 -19.98
N ILE B 674 24.58 -8.76 -21.18
CA ILE B 674 25.75 -9.48 -21.68
C ILE B 674 26.98 -8.60 -21.43
N PRO B 675 28.00 -9.10 -20.74
CA PRO B 675 29.17 -8.26 -20.48
C PRO B 675 29.88 -7.88 -21.77
N ILE B 676 30.53 -6.71 -21.74
CA ILE B 676 31.28 -6.25 -22.90
C ILE B 676 32.43 -7.20 -23.21
N GLN B 677 33.07 -7.73 -22.17
CA GLN B 677 34.15 -8.69 -22.38
C GLN B 677 33.64 -9.95 -23.06
N THR B 678 32.44 -10.42 -22.67
CA THR B 678 31.81 -11.52 -23.38
C THR B 678 31.45 -11.12 -24.80
N LEU B 679 30.98 -9.88 -24.99
CA LEU B 679 30.60 -9.42 -26.32
C LEU B 679 31.79 -9.38 -27.26
N HIS B 680 33.00 -9.13 -26.75
CA HIS B 680 34.19 -9.15 -27.61
C HIS B 680 34.44 -10.54 -28.16
N ARG B 681 34.37 -11.56 -27.29
CA ARG B 681 34.52 -12.93 -27.76
C ARG B 681 33.41 -13.31 -28.73
N LEU B 682 32.19 -12.85 -28.45
CA LEU B 682 31.08 -13.08 -29.38
C LEU B 682 31.34 -12.46 -30.74
N VAL B 683 31.89 -11.24 -30.75
CA VAL B 683 32.18 -10.56 -32.01
C VAL B 683 33.25 -11.31 -32.78
N ASP B 684 34.31 -11.75 -32.08
CA ASP B 684 35.36 -12.51 -32.76
C ASP B 684 34.83 -13.84 -33.30
N LEU B 685 33.96 -14.51 -32.55
CA LEU B 685 33.50 -15.82 -32.96
C LEU B 685 32.49 -15.73 -34.11
N LEU B 686 31.58 -14.77 -34.06
CA LEU B 686 30.47 -14.68 -35.00
C LEU B 686 30.67 -13.52 -35.96
N GLU B 687 29.66 -13.32 -36.83
CA GLU B 687 29.64 -12.22 -37.79
C GLU B 687 28.38 -11.40 -37.56
N PHE B 688 28.55 -10.17 -37.10
CA PHE B 688 27.44 -9.33 -36.66
C PHE B 688 27.02 -8.36 -37.76
N SER B 689 25.71 -8.23 -37.97
CA SER B 689 25.20 -7.27 -38.93
C SER B 689 25.45 -5.85 -38.44
N ASP B 690 25.83 -4.97 -39.37
CA ASP B 690 26.18 -3.61 -39.00
C ASP B 690 24.93 -2.77 -38.71
N GLU B 691 23.85 -3.00 -39.46
CA GLU B 691 22.66 -2.16 -39.38
C GLU B 691 21.53 -2.79 -38.57
N ALA B 692 21.78 -3.93 -37.92
CA ALA B 692 20.73 -4.58 -37.15
C ALA B 692 20.49 -3.83 -35.84
N ASP B 693 19.32 -4.10 -35.25
CA ASP B 693 18.92 -3.49 -33.99
C ASP B 693 18.96 -4.54 -32.88
N VAL B 694 18.55 -4.14 -31.68
CA VAL B 694 18.64 -5.03 -30.52
C VAL B 694 17.84 -6.30 -30.74
N ASP B 695 16.65 -6.18 -31.32
CA ASP B 695 15.83 -7.37 -31.60
C ASP B 695 16.55 -8.30 -32.58
N GLU B 696 17.11 -7.75 -33.65
CA GLU B 696 17.79 -8.58 -34.65
C GLU B 696 19.03 -9.24 -34.07
N LEU B 697 19.84 -8.51 -33.29
CA LEU B 697 21.01 -9.12 -32.68
C LEU B 697 20.63 -10.19 -31.67
N SER B 698 19.59 -9.95 -30.88
CA SER B 698 19.15 -10.97 -29.92
C SER B 698 18.66 -12.22 -30.65
N GLN B 699 17.90 -12.05 -31.73
CA GLN B 699 17.43 -13.19 -32.50
C GLN B 699 18.59 -13.91 -33.18
N TYR B 700 19.59 -13.15 -33.63
CA TYR B 700 20.78 -13.76 -34.22
C TYR B 700 21.54 -14.61 -33.20
N LEU B 701 21.69 -14.10 -31.98
CA LEU B 701 22.34 -14.88 -30.93
C LEU B 701 21.54 -16.14 -30.61
N ARG B 702 20.21 -16.02 -30.53
CA ARG B 702 19.40 -17.19 -30.24
C ARG B 702 19.49 -18.22 -31.36
N ASP B 703 19.52 -17.76 -32.62
CA ASP B 703 19.56 -18.67 -33.75
C ASP B 703 20.87 -19.43 -33.82
N THR B 704 21.98 -18.74 -33.58
CA THR B 704 23.32 -19.33 -33.70
C THR B 704 23.87 -19.78 -32.36
N GLN B 705 23.02 -20.30 -31.47
CA GLN B 705 23.46 -20.71 -30.15
C GLN B 705 24.51 -21.82 -30.23
N ASP B 706 24.35 -22.74 -31.18
CA ASP B 706 25.28 -23.85 -31.28
C ASP B 706 26.68 -23.41 -31.70
N ILE B 707 26.79 -22.28 -32.41
CA ILE B 707 28.10 -21.84 -32.89
C ILE B 707 28.97 -21.36 -31.74
N TRP B 708 28.40 -20.56 -30.84
CA TRP B 708 29.20 -20.00 -29.75
C TRP B 708 29.15 -20.85 -28.48
N SER B 709 28.10 -21.64 -28.27
CA SER B 709 28.03 -22.47 -27.07
C SER B 709 29.10 -23.54 -27.04
N ARG B 710 29.61 -23.95 -28.20
CA ARG B 710 30.63 -25.00 -28.23
C ARG B 710 32.01 -24.48 -27.83
N SER B 711 32.34 -23.24 -28.20
CA SER B 711 33.70 -22.73 -28.08
C SER B 711 33.70 -21.37 -27.37
N ILE B 712 33.01 -21.28 -26.24
CA ILE B 712 33.05 -20.09 -25.40
C ILE B 712 33.14 -20.51 -23.94
N GLY B 713 33.54 -19.57 -23.09
CA GLY B 713 33.69 -19.86 -21.67
C GLY B 713 32.36 -20.20 -21.02
N TYR B 714 32.43 -20.98 -19.94
CA TYR B 714 31.23 -21.40 -19.24
C TYR B 714 30.50 -20.23 -18.61
N VAL B 715 31.25 -19.33 -17.96
CA VAL B 715 30.63 -18.17 -17.34
C VAL B 715 30.07 -17.22 -18.41
N ASP B 716 30.79 -17.08 -19.53
CA ASP B 716 30.32 -16.21 -20.60
C ASP B 716 28.99 -16.68 -21.16
N GLN B 717 28.87 -17.98 -21.44
CA GLN B 717 27.60 -18.48 -21.97
C GLN B 717 26.51 -18.52 -20.90
N MET B 718 26.87 -18.71 -19.63
CA MET B 718 25.86 -18.55 -18.58
C MET B 718 25.30 -17.14 -18.55
N PHE B 719 26.17 -16.14 -18.66
CA PHE B 719 25.72 -14.75 -18.69
C PHE B 719 24.87 -14.47 -19.93
N ILE B 720 25.27 -15.01 -21.08
CA ILE B 720 24.46 -14.83 -22.29
C ILE B 720 23.07 -15.45 -22.12
N ARG B 721 23.02 -16.67 -21.58
CA ARG B 721 21.74 -17.33 -21.38
C ARG B 721 20.85 -16.56 -20.42
N ARG B 722 21.44 -16.04 -19.32
CA ARG B 722 20.66 -15.26 -18.38
C ARG B 722 20.15 -13.97 -19.03
N ALA B 723 21.00 -13.31 -19.82
CA ALA B 723 20.63 -12.03 -20.41
C ALA B 723 19.53 -12.20 -21.46
N LEU B 724 19.65 -13.22 -22.31
CA LEU B 724 18.69 -13.41 -23.38
C LEU B 724 17.47 -14.22 -22.96
N GLY B 725 17.46 -14.74 -21.73
CA GLY B 725 16.35 -15.55 -21.29
C GLY B 725 16.34 -16.96 -21.82
N ILE B 726 17.45 -17.41 -22.41
CA ILE B 726 17.52 -18.76 -22.96
C ILE B 726 17.48 -19.77 -21.82
N ARG B 727 16.61 -20.76 -21.95
CA ARG B 727 16.48 -21.82 -20.95
C ARG B 727 17.43 -22.96 -21.32
N ARG B 728 18.53 -23.09 -20.60
CA ARG B 728 19.55 -24.11 -20.85
C ARG B 728 20.05 -24.05 -22.30
#